data_6C2X
#
_entry.id   6C2X
#
_cell.length_a   79.171
_cell.length_b   79.171
_cell.length_c   225.946
_cell.angle_alpha   90.00
_cell.angle_beta   90.00
_cell.angle_gamma   90.00
#
_symmetry.space_group_name_H-M   'P 43 21 2'
#
loop_
_entity.id
_entity.type
_entity.pdbx_description
1 polymer 'Malate synthase G'
2 non-polymer 'MAGNESIUM ION'
3 non-polymer '(2S)-4-(2-bromo-6-methylphenyl)-2-hydroxy-4-oxobutanoic acid'
4 water water
#
_entity_poly.entity_id   1
_entity_poly.type   'polypeptide(L)'
_entity_poly.pdbx_seq_one_letter_code
;MTDRVSVGNLRIARVLYDFVNNEALPGTDIDPDSFWAGVDKVVADLTPQNQALLNARDELQAQIDKWHRRRVIEPIDMDA
YRQFLTEIGYLLPEPDDFTITTSGVDAEITTTAGPQLVVPVLNARFALNAANARWGSLYDALYGTDVIPETDGAEKGPTY
NKVRGDKVIAYARKFLDDSVPLSSGSFGDATGFTVQDGQLVVALPDKSTGLANPGQFAGYTGAAESPTSVLLINHGLHIE
ILIDPESQVGTTDRAGVKDVILESAITTIMDFEDSVAAVDAADKVLGYRNWLGLNKGDLAAAVDKDGTAFLRVLNRDRNY
TAPGGGQFTLPGRSLMFVRNVGHLMTNDAIVDTDGSEVFEGIMDALFTGLIAIHGLKASDVNGPLINSRTGSIYIVKPKM
HGPAEVAFTCELFSRVEDVLGLPQNTMKIGIMDEERRTTVNLKACIKAAADRVVFINTGFLDRTGDEIHTSMEAGPMVRK
GTMKSQPWILAYEDHNVDAGLAAGFSGRAQVGKGMWTMTELMADMVETKIAQPRAGASTAWVPSPTAATLHALHYHQVDV
AAVQQGLAGKRRATIEQLLTIPLAKELAWAPDEIREEVDNNCQSILGYVVRWVDQGVGASKVPDIHDVALMEDRATLRIS
SQLLANWLRHGVITSADVRASLERMAPLVDRQNAGDVAYRPMAPNFDDSIAFLAAQELILSGAQQPNGYTEPILHRRRRE
FKARAAEKPAPSDRAGDDAAR
;
_entity_poly.pdbx_strand_id   A
#
# COMPACT_ATOMS: atom_id res chain seq x y z
N THR A 2 13.19 -19.22 24.82
CA THR A 2 12.64 -17.85 24.80
C THR A 2 12.14 -17.41 26.20
N ASP A 3 12.81 -16.40 26.77
CA ASP A 3 12.54 -15.97 28.13
C ASP A 3 11.48 -14.88 28.17
N ARG A 4 10.58 -15.00 29.14
CA ARG A 4 9.40 -14.17 29.20
C ARG A 4 9.35 -13.42 30.52
N VAL A 5 8.55 -12.37 30.53
CA VAL A 5 8.35 -11.53 31.70
C VAL A 5 6.88 -11.60 32.07
N SER A 6 6.58 -11.78 33.37
CA SER A 6 5.21 -11.99 33.81
C SER A 6 4.53 -10.66 34.09
N VAL A 7 3.37 -10.45 33.46
CA VAL A 7 2.51 -9.31 33.75
C VAL A 7 1.08 -9.81 33.70
N GLY A 8 0.50 -10.08 34.86
CA GLY A 8 -0.81 -10.69 34.92
C GLY A 8 -0.81 -12.05 34.24
N ASN A 9 -1.83 -12.29 33.43
CA ASN A 9 -1.94 -13.54 32.69
C ASN A 9 -1.02 -13.61 31.47
N LEU A 10 -0.16 -12.61 31.23
CA LEU A 10 0.69 -12.58 30.05
C LEU A 10 2.14 -12.95 30.37
N ARG A 11 2.81 -13.55 29.38
CA ARG A 11 4.24 -13.81 29.49
C ARG A 11 4.90 -13.19 28.26
N ILE A 12 5.29 -11.92 28.42
CA ILE A 12 5.88 -11.12 27.35
C ILE A 12 7.31 -11.56 27.11
N ALA A 13 7.62 -11.88 25.86
CA ALA A 13 9.00 -12.19 25.48
C ALA A 13 9.91 -11.03 25.90
N ARG A 14 11.13 -11.36 26.32
CA ARG A 14 11.97 -10.35 26.97
C ARG A 14 12.35 -9.25 26.00
N VAL A 15 12.75 -9.60 24.77
CA VAL A 15 13.28 -8.59 23.85
C VAL A 15 12.25 -7.51 23.60
N LEU A 16 10.98 -7.90 23.55
CA LEU A 16 9.90 -6.94 23.38
C LEU A 16 9.64 -6.18 24.68
N TYR A 17 9.74 -6.84 25.83
CA TYR A 17 9.53 -6.17 27.10
C TYR A 17 10.59 -5.10 27.34
N ASP A 18 11.86 -5.45 27.11
CA ASP A 18 12.94 -4.49 27.25
C ASP A 18 12.82 -3.35 26.24
N PHE A 19 12.34 -3.67 25.02
CA PHE A 19 12.22 -2.66 23.98
C PHE A 19 11.13 -1.64 24.30
N VAL A 20 9.95 -2.11 24.71
CA VAL A 20 8.91 -1.15 25.03
C VAL A 20 9.34 -0.28 26.20
N ASN A 21 9.98 -0.90 27.20
CA ASN A 21 10.34 -0.20 28.43
C ASN A 21 11.39 0.86 28.20
N ASN A 22 12.49 0.49 27.53
CA ASN A 22 13.66 1.36 27.45
C ASN A 22 13.62 2.30 26.25
N GLU A 23 12.88 1.96 25.20
CA GLU A 23 12.95 2.73 23.96
C GLU A 23 11.66 3.44 23.61
N ALA A 24 10.52 2.78 23.78
CA ALA A 24 9.25 3.30 23.33
C ALA A 24 8.47 4.04 24.41
N LEU A 25 8.54 3.61 25.66
CA LEU A 25 7.83 4.34 26.72
C LEU A 25 8.48 5.66 27.12
N PRO A 26 9.81 5.76 27.19
CA PRO A 26 10.44 7.04 27.56
C PRO A 26 10.04 8.19 26.65
N GLY A 27 9.47 9.23 27.25
CA GLY A 27 9.13 10.43 26.54
C GLY A 27 7.64 10.59 26.32
N THR A 28 6.82 9.68 26.84
CA THR A 28 5.40 9.70 26.63
C THR A 28 4.62 9.91 27.91
N ASP A 29 5.32 10.06 29.04
CA ASP A 29 4.69 10.28 30.35
C ASP A 29 3.70 9.17 30.71
N ILE A 30 3.84 8.00 30.10
CA ILE A 30 3.04 6.84 30.48
C ILE A 30 3.88 5.98 31.41
N ASP A 31 3.25 5.46 32.45
CA ASP A 31 3.94 4.71 33.48
C ASP A 31 4.05 3.25 33.05
N PRO A 32 5.25 2.68 32.99
CA PRO A 32 5.40 1.29 32.52
C PRO A 32 4.44 0.29 33.17
N ASP A 33 4.15 0.45 34.46
CA ASP A 33 3.24 -0.48 35.11
C ASP A 33 1.81 -0.26 34.63
N SER A 34 1.40 0.99 34.47
CA SER A 34 0.09 1.28 33.90
C SER A 34 -0.02 0.77 32.46
N PHE A 35 1.08 0.85 31.72
CA PHE A 35 1.05 0.35 30.36
C PHE A 35 0.74 -1.13 30.37
N TRP A 36 1.69 -1.91 30.88
CA TRP A 36 1.58 -3.36 30.81
C TRP A 36 0.30 -3.88 31.45
N ALA A 37 -0.17 -3.21 32.51
CA ALA A 37 -1.46 -3.58 33.08
C ALA A 37 -2.58 -3.38 32.08
N GLY A 38 -2.50 -2.30 31.28
CA GLY A 38 -3.47 -2.10 30.24
C GLY A 38 -3.39 -3.13 29.13
N VAL A 39 -2.17 -3.45 28.70
CA VAL A 39 -1.98 -4.54 27.75
C VAL A 39 -2.65 -5.81 28.24
N ASP A 40 -2.35 -6.22 29.48
CA ASP A 40 -2.98 -7.41 30.05
C ASP A 40 -4.50 -7.30 30.04
N LYS A 41 -5.03 -6.18 30.54
CA LYS A 41 -6.47 -6.02 30.65
C LYS A 41 -7.14 -5.98 29.27
N VAL A 42 -6.58 -5.21 28.33
CA VAL A 42 -7.17 -5.14 27.00
C VAL A 42 -7.12 -6.50 26.33
N VAL A 43 -6.00 -7.21 26.43
CA VAL A 43 -5.89 -8.53 25.83
C VAL A 43 -6.91 -9.49 26.42
N ALA A 44 -7.06 -9.50 27.75
CA ALA A 44 -8.04 -10.40 28.33
C ALA A 44 -9.46 -10.02 27.91
N ASP A 45 -9.73 -8.72 27.75
CA ASP A 45 -11.10 -8.28 27.52
C ASP A 45 -11.55 -8.58 26.10
N LEU A 46 -10.67 -8.33 25.11
CA LEU A 46 -11.05 -8.30 23.71
C LEU A 46 -10.65 -9.55 22.93
N THR A 47 -9.80 -10.43 23.47
CA THR A 47 -9.46 -11.67 22.78
C THR A 47 -10.68 -12.58 22.54
N PRO A 48 -11.65 -12.71 23.47
CA PRO A 48 -12.91 -13.39 23.13
C PRO A 48 -13.53 -12.94 21.81
N GLN A 49 -13.94 -11.66 21.70
CA GLN A 49 -14.69 -11.23 20.52
C GLN A 49 -13.88 -11.38 19.23
N ASN A 50 -12.57 -11.13 19.31
CA ASN A 50 -11.67 -11.37 18.20
C ASN A 50 -11.79 -12.78 17.66
N GLN A 51 -11.89 -13.76 18.56
CA GLN A 51 -11.95 -15.14 18.11
C GLN A 51 -13.36 -15.53 17.69
N ALA A 52 -14.39 -14.94 18.32
CA ALA A 52 -15.73 -15.11 17.80
C ALA A 52 -15.81 -14.66 16.33
N LEU A 53 -15.21 -13.50 16.02
CA LEU A 53 -15.27 -12.98 14.65
C LEU A 53 -14.57 -13.93 13.68
N LEU A 54 -13.46 -14.52 14.07
CA LEU A 54 -12.78 -15.47 13.19
C LEU A 54 -13.64 -16.70 12.95
N ASN A 55 -14.31 -17.21 13.99
CA ASN A 55 -15.20 -18.36 13.79
C ASN A 55 -16.38 -18.03 12.89
N ALA A 56 -16.88 -16.78 12.95
CA ALA A 56 -17.96 -16.36 12.08
C ALA A 56 -17.57 -16.45 10.60
N ARG A 57 -16.43 -15.87 10.23
CA ARG A 57 -15.83 -16.12 8.93
C ARG A 57 -15.92 -17.61 8.58
N ASP A 58 -15.24 -18.44 9.36
CA ASP A 58 -15.21 -19.89 9.16
C ASP A 58 -16.61 -20.46 8.92
N GLU A 59 -17.57 -20.06 9.76
CA GLU A 59 -18.93 -20.59 9.66
C GLU A 59 -19.63 -20.09 8.39
N LEU A 60 -19.53 -18.78 8.10
CA LEU A 60 -20.14 -18.28 6.88
C LEU A 60 -19.55 -18.97 5.66
N GLN A 61 -18.23 -19.16 5.65
CA GLN A 61 -17.59 -19.76 4.49
C GLN A 61 -18.02 -21.21 4.28
N ALA A 62 -18.43 -21.89 5.35
CA ALA A 62 -18.79 -23.29 5.21
C ALA A 62 -20.21 -23.46 4.69
N GLN A 63 -21.11 -22.54 5.05
CA GLN A 63 -22.47 -22.55 4.48
C GLN A 63 -22.43 -22.25 2.98
N ILE A 64 -21.64 -21.24 2.58
CA ILE A 64 -21.45 -20.95 1.17
C ILE A 64 -20.84 -22.14 0.45
N ASP A 65 -19.80 -22.74 1.04
CA ASP A 65 -19.24 -23.98 0.54
C ASP A 65 -20.32 -25.02 0.24
N LYS A 66 -21.11 -25.38 1.25
CA LYS A 66 -22.13 -26.41 1.06
C LYS A 66 -23.16 -25.96 0.05
N TRP A 67 -23.57 -24.70 0.12
CA TRP A 67 -24.55 -24.17 -0.83
C TRP A 67 -24.12 -24.37 -2.28
N HIS A 68 -22.85 -24.10 -2.59
CA HIS A 68 -22.39 -24.32 -3.97
C HIS A 68 -22.38 -25.80 -4.32
N ARG A 69 -21.92 -26.65 -3.38
CA ARG A 69 -21.77 -28.08 -3.65
C ARG A 69 -23.08 -28.73 -4.07
N ARG A 70 -24.15 -28.23 -3.52
CA ARG A 70 -25.48 -28.66 -3.83
C ARG A 70 -25.48 -27.88 -5.07
N ARG A 71 -26.63 -27.56 -5.64
CA ARG A 71 -26.61 -26.79 -6.88
C ARG A 71 -26.06 -27.67 -7.99
N VAL A 72 -26.77 -27.76 -9.07
CA VAL A 72 -26.41 -28.60 -10.18
C VAL A 72 -25.74 -27.88 -11.32
N PRO A 75 -26.19 -23.76 -14.37
CA PRO A 75 -27.09 -22.75 -13.80
C PRO A 75 -26.32 -21.70 -12.99
N ILE A 76 -27.00 -20.69 -12.44
CA ILE A 76 -26.52 -19.90 -11.31
C ILE A 76 -27.55 -18.82 -10.97
N ASP A 77 -28.63 -19.19 -10.30
CA ASP A 77 -29.69 -18.24 -10.00
C ASP A 77 -29.18 -17.19 -9.02
N MET A 78 -29.09 -15.95 -9.47
CA MET A 78 -28.53 -14.89 -8.63
C MET A 78 -29.51 -14.36 -7.58
N ASP A 79 -30.82 -14.53 -7.77
CA ASP A 79 -31.78 -14.05 -6.77
C ASP A 79 -31.80 -14.93 -5.53
N ALA A 80 -31.59 -16.24 -5.68
CA ALA A 80 -31.55 -17.13 -4.52
C ALA A 80 -30.23 -16.99 -3.75
N TYR A 81 -29.12 -16.96 -4.49
CA TYR A 81 -27.81 -16.64 -3.91
C TYR A 81 -27.88 -15.39 -3.05
N ARG A 82 -28.39 -14.29 -3.62
CA ARG A 82 -28.67 -13.08 -2.85
C ARG A 82 -29.48 -13.39 -1.61
N GLN A 83 -30.61 -14.06 -1.80
CA GLN A 83 -31.49 -14.35 -0.67
C GLN A 83 -30.83 -15.31 0.31
N PHE A 84 -29.95 -16.18 -0.18
CA PHE A 84 -29.21 -17.06 0.72
C PHE A 84 -28.22 -16.27 1.56
N LEU A 85 -27.37 -15.46 0.92
CA LEU A 85 -26.34 -14.72 1.66
C LEU A 85 -26.96 -13.74 2.64
N THR A 86 -28.11 -13.16 2.31
CA THR A 86 -28.79 -12.28 3.24
C THR A 86 -29.25 -13.06 4.46
N GLU A 87 -29.83 -14.24 4.23
CA GLU A 87 -30.43 -14.98 5.33
C GLU A 87 -29.37 -15.43 6.33
N ILE A 88 -28.23 -15.92 5.83
CA ILE A 88 -27.15 -16.35 6.72
C ILE A 88 -26.37 -15.18 7.28
N GLY A 89 -26.79 -13.93 7.01
CA GLY A 89 -26.14 -12.75 7.55
C GLY A 89 -24.85 -12.33 6.89
N TYR A 90 -24.53 -12.90 5.73
CA TYR A 90 -23.40 -12.42 4.93
C TYR A 90 -23.68 -11.04 4.36
N LEU A 91 -24.88 -10.86 3.83
CA LEU A 91 -25.30 -9.62 3.20
C LEU A 91 -26.25 -8.93 4.17
N LEU A 92 -25.92 -7.72 4.55
CA LEU A 92 -26.67 -7.07 5.61
C LEU A 92 -27.33 -5.81 5.08
N PRO A 93 -28.36 -5.31 5.77
CA PRO A 93 -29.03 -4.08 5.33
C PRO A 93 -28.07 -2.92 5.10
N GLU A 94 -28.45 -2.05 4.18
CA GLU A 94 -27.72 -0.82 3.89
C GLU A 94 -28.22 0.30 4.81
N PRO A 95 -27.38 0.88 5.66
CA PRO A 95 -27.85 1.94 6.56
C PRO A 95 -28.34 3.15 5.80
N ASP A 96 -29.05 4.03 6.51
CA ASP A 96 -29.43 5.30 5.91
C ASP A 96 -28.19 6.11 5.59
N ASP A 97 -28.32 6.97 4.59
CA ASP A 97 -27.19 7.81 4.20
C ASP A 97 -26.68 8.63 5.39
N PHE A 98 -25.39 8.97 5.36
CA PHE A 98 -24.78 9.68 6.47
C PHE A 98 -23.56 10.41 5.94
N THR A 99 -22.85 11.07 6.86
CA THR A 99 -21.62 11.77 6.51
C THR A 99 -20.61 11.64 7.64
N ILE A 100 -19.38 11.28 7.27
CA ILE A 100 -18.38 10.99 8.29
C ILE A 100 -18.09 12.27 9.08
N THR A 101 -17.79 12.09 10.36
CA THR A 101 -17.50 13.19 11.27
C THR A 101 -16.03 13.30 11.65
N THR A 102 -15.17 12.40 11.17
CA THR A 102 -13.75 12.35 11.48
C THR A 102 -13.11 13.73 11.51
N SER A 103 -12.82 14.22 12.71
CA SER A 103 -12.18 15.52 12.89
C SER A 103 -10.68 15.35 13.08
N GLY A 104 -9.97 16.47 13.06
CA GLY A 104 -8.58 16.44 13.44
C GLY A 104 -7.65 15.79 12.45
N VAL A 105 -8.09 15.64 11.19
CA VAL A 105 -7.31 14.98 10.15
C VAL A 105 -6.47 16.00 9.40
N ASP A 106 -5.34 15.55 8.87
CA ASP A 106 -4.36 16.40 8.24
C ASP A 106 -4.77 16.74 6.81
N ALA A 107 -4.24 17.87 6.34
CA ALA A 107 -4.57 18.34 4.99
C ALA A 107 -4.13 17.34 3.94
N GLU A 108 -3.01 16.64 4.18
CA GLU A 108 -2.54 15.63 3.26
C GLU A 108 -3.58 14.54 3.01
N ILE A 109 -4.56 14.41 3.90
CA ILE A 109 -5.55 13.35 3.84
C ILE A 109 -6.92 13.88 3.44
N THR A 110 -7.34 14.99 4.03
CA THR A 110 -8.67 15.51 3.72
C THR A 110 -8.75 16.16 2.35
N THR A 111 -7.62 16.70 1.87
CA THR A 111 -7.71 17.71 0.83
C THR A 111 -6.76 17.43 -0.34
N THR A 112 -5.49 17.15 -0.04
CA THR A 112 -4.53 16.92 -1.11
C THR A 112 -4.79 15.59 -1.78
N ALA A 113 -4.84 15.59 -3.10
CA ALA A 113 -4.89 14.34 -3.85
C ALA A 113 -3.54 14.14 -4.51
N GLY A 114 -3.07 12.91 -4.48
CA GLY A 114 -1.75 12.61 -4.97
C GLY A 114 -1.31 11.24 -4.52
N PRO A 115 -0.12 10.83 -4.94
CA PRO A 115 0.29 9.44 -4.73
C PRO A 115 0.43 9.10 -3.24
N GLN A 116 0.28 7.80 -2.97
CA GLN A 116 0.43 7.25 -1.63
C GLN A 116 1.35 6.05 -1.72
N LEU A 117 2.46 6.10 -0.99
CA LEU A 117 3.51 5.10 -1.09
C LEU A 117 3.41 4.11 0.07
N VAL A 118 3.65 2.84 -0.24
CA VAL A 118 3.62 1.76 0.75
C VAL A 118 4.97 1.06 0.77
N VAL A 119 5.50 0.83 1.97
CA VAL A 119 6.90 0.41 2.14
C VAL A 119 6.99 -0.54 3.34
N PRO A 120 7.88 -1.53 3.23
CA PRO A 120 8.06 -2.47 4.34
C PRO A 120 8.80 -1.82 5.50
N VAL A 121 8.13 -1.75 6.66
CA VAL A 121 8.66 -1.00 7.78
C VAL A 121 9.94 -1.61 8.32
N LEU A 122 10.16 -2.91 8.07
CA LEU A 122 11.35 -3.62 8.52
C LEU A 122 12.59 -3.32 7.69
N ASN A 123 12.49 -2.48 6.66
CA ASN A 123 13.63 -2.11 5.83
C ASN A 123 13.85 -0.61 6.04
N ALA A 124 14.73 -0.28 6.99
CA ALA A 124 14.94 1.12 7.36
C ALA A 124 15.35 1.96 6.17
N ARG A 125 16.21 1.43 5.32
CA ARG A 125 16.66 2.20 4.16
C ARG A 125 15.50 2.50 3.23
N PHE A 126 14.60 1.54 3.04
CA PHE A 126 13.41 1.86 2.23
C PHE A 126 12.47 2.78 2.98
N ALA A 127 12.33 2.59 4.30
CA ALA A 127 11.39 3.42 5.05
C ALA A 127 11.86 4.85 5.13
N LEU A 128 13.18 5.06 5.20
CA LEU A 128 13.73 6.41 5.06
C LEU A 128 13.37 7.03 3.73
N ASN A 129 13.68 6.33 2.64
CA ASN A 129 13.45 6.88 1.32
C ASN A 129 11.98 7.22 1.12
N ALA A 130 11.08 6.40 1.67
CA ALA A 130 9.65 6.68 1.53
C ALA A 130 9.25 7.93 2.29
N ALA A 131 9.73 8.08 3.52
CA ALA A 131 9.43 9.31 4.26
C ALA A 131 9.93 10.52 3.49
N ASN A 132 11.11 10.43 2.91
CA ASN A 132 11.70 11.52 2.16
C ASN A 132 11.14 11.63 0.75
N ALA A 133 10.27 10.72 0.34
CA ALA A 133 9.70 10.71 -0.99
C ALA A 133 8.59 11.76 -1.19
N ARG A 134 8.37 12.68 -0.23
CA ARG A 134 7.46 13.80 -0.46
C ARG A 134 7.91 14.65 -1.63
N TRP A 135 9.22 14.76 -1.83
CA TRP A 135 9.80 15.56 -2.90
C TRP A 135 10.73 14.67 -3.71
N GLY A 136 10.76 14.88 -5.01
CA GLY A 136 11.44 13.94 -5.89
C GLY A 136 11.81 14.58 -7.21
N SER A 137 12.92 14.12 -7.78
CA SER A 137 13.45 14.69 -9.01
C SER A 137 12.71 14.11 -10.19
N LEU A 138 12.06 14.96 -10.98
CA LEU A 138 11.39 14.46 -12.18
C LEU A 138 12.41 14.06 -13.24
N TYR A 139 13.51 14.80 -13.35
CA TYR A 139 14.55 14.40 -14.27
C TYR A 139 15.04 13.00 -13.96
N ASP A 140 15.29 12.72 -12.68
CA ASP A 140 15.86 11.44 -12.30
C ASP A 140 14.90 10.31 -12.59
N ALA A 141 13.60 10.54 -12.36
CA ALA A 141 12.62 9.49 -12.62
C ALA A 141 12.43 9.28 -14.12
N LEU A 142 12.47 10.36 -14.91
CA LEU A 142 12.36 10.21 -16.36
C LEU A 142 13.64 9.60 -16.94
N TYR A 143 14.81 9.99 -16.42
CA TYR A 143 16.06 9.51 -17.00
C TYR A 143 16.29 8.05 -16.68
N GLY A 144 16.07 7.65 -15.43
CA GLY A 144 16.47 6.34 -14.94
C GLY A 144 15.50 5.20 -15.18
N THR A 145 14.29 5.51 -15.67
CA THR A 145 13.26 4.53 -16.03
C THR A 145 13.06 4.57 -17.53
N ASP A 146 12.10 3.77 -18.01
CA ASP A 146 11.82 3.67 -19.44
C ASP A 146 10.72 4.62 -19.92
N VAL A 147 10.45 5.70 -19.18
CA VAL A 147 9.49 6.68 -19.66
C VAL A 147 9.98 7.31 -20.95
N ILE A 148 11.22 7.75 -20.96
CA ILE A 148 11.94 8.08 -22.19
C ILE A 148 12.49 6.77 -22.75
N PRO A 149 11.94 6.27 -23.85
CA PRO A 149 12.44 5.00 -24.40
C PRO A 149 13.94 5.01 -24.63
N GLU A 150 14.55 3.83 -24.64
CA GLU A 150 15.96 3.70 -24.97
C GLU A 150 16.14 3.33 -26.44
N THR A 151 15.56 4.18 -27.28
CA THR A 151 15.74 4.09 -28.73
C THR A 151 17.17 4.48 -29.07
N ASP A 152 17.50 4.56 -30.36
CA ASP A 152 18.87 4.88 -30.74
C ASP A 152 19.28 6.25 -30.22
N GLY A 153 20.50 6.32 -29.70
CA GLY A 153 21.08 7.53 -29.17
C GLY A 153 20.69 7.84 -27.74
N ALA A 154 19.51 7.40 -27.30
CA ALA A 154 18.91 7.85 -26.05
C ALA A 154 18.99 6.79 -24.96
N GLU A 155 19.89 5.81 -25.09
CA GLU A 155 19.96 4.71 -24.14
C GLU A 155 20.82 5.06 -22.94
N LYS A 156 20.39 4.56 -21.78
CA LYS A 156 21.15 4.75 -20.54
C LYS A 156 22.54 4.16 -20.69
N GLY A 157 23.55 4.99 -20.45
CA GLY A 157 24.92 4.53 -20.44
C GLY A 157 25.50 4.43 -19.04
N PRO A 158 26.81 4.16 -18.96
CA PRO A 158 27.52 4.25 -17.68
C PRO A 158 27.78 5.71 -17.30
N THR A 159 27.95 6.55 -18.31
CA THR A 159 28.03 7.99 -18.12
C THR A 159 26.70 8.63 -18.55
N TYR A 160 26.67 9.95 -18.57
CA TYR A 160 25.44 10.67 -18.86
C TYR A 160 25.23 10.76 -20.37
N ASN A 161 24.02 10.43 -20.80
CA ASN A 161 23.65 10.49 -22.21
C ASN A 161 22.95 11.82 -22.44
N LYS A 162 23.51 12.66 -23.30
CA LYS A 162 22.93 13.97 -23.52
C LYS A 162 21.73 13.89 -24.45
N VAL A 163 21.78 12.99 -25.44
CA VAL A 163 20.59 12.77 -26.26
C VAL A 163 19.42 12.43 -25.36
N ARG A 164 19.64 11.49 -24.44
CA ARG A 164 18.58 11.10 -23.51
C ARG A 164 18.22 12.27 -22.59
N GLY A 165 19.22 12.97 -22.05
CA GLY A 165 18.94 14.06 -21.14
C GLY A 165 18.13 15.16 -21.78
N ASP A 166 18.34 15.41 -23.07
CA ASP A 166 17.57 16.45 -23.77
C ASP A 166 16.10 16.04 -23.91
N LYS A 167 15.85 14.76 -24.20
CA LYS A 167 14.47 14.27 -24.20
C LYS A 167 13.84 14.45 -22.83
N VAL A 168 14.56 14.07 -21.76
CA VAL A 168 14.09 14.32 -20.40
C VAL A 168 13.64 15.77 -20.23
N ILE A 169 14.50 16.73 -20.61
CA ILE A 169 14.14 18.14 -20.44
C ILE A 169 12.88 18.47 -21.24
N ALA A 170 12.84 18.03 -22.50
CA ALA A 170 11.66 18.26 -23.34
C ALA A 170 10.39 17.68 -22.70
N TYR A 171 10.50 16.52 -22.06
CA TYR A 171 9.33 15.93 -21.43
C TYR A 171 8.84 16.82 -20.27
N ALA A 172 9.75 17.31 -19.44
CA ALA A 172 9.37 18.16 -18.33
C ALA A 172 8.78 19.48 -18.82
N ARG A 173 9.33 20.03 -19.91
CA ARG A 173 8.82 21.30 -20.44
C ARG A 173 7.37 21.16 -20.91
N LYS A 174 7.04 20.03 -21.54
CA LYS A 174 5.65 19.78 -21.92
C LYS A 174 4.75 19.58 -20.69
N PHE A 175 5.27 18.96 -19.61
CA PHE A 175 4.53 18.90 -18.35
C PHE A 175 4.27 20.30 -17.78
N LEU A 176 5.31 21.14 -17.72
CA LEU A 176 5.13 22.52 -17.31
C LEU A 176 4.07 23.21 -18.16
N ASP A 177 4.09 23.00 -19.47
CA ASP A 177 3.07 23.61 -20.32
C ASP A 177 1.69 23.06 -20.00
N ASP A 178 1.59 21.74 -19.84
CA ASP A 178 0.29 21.12 -19.58
C ASP A 178 -0.22 21.35 -18.16
N SER A 179 0.57 21.97 -17.29
CA SER A 179 0.25 22.07 -15.86
C SER A 179 0.14 23.50 -15.37
N VAL A 180 1.11 24.35 -15.67
CA VAL A 180 1.11 25.74 -15.22
C VAL A 180 1.34 26.63 -16.44
N PRO A 181 0.35 26.77 -17.33
CA PRO A 181 0.61 27.36 -18.65
C PRO A 181 0.92 28.84 -18.60
N LEU A 182 1.70 29.28 -19.59
CA LEU A 182 2.00 30.70 -19.81
C LEU A 182 0.86 31.39 -20.56
N SER A 183 0.85 32.72 -20.50
CA SER A 183 -0.17 33.49 -21.20
C SER A 183 -0.05 33.32 -22.71
N SER A 184 1.16 33.44 -23.23
CA SER A 184 1.45 32.94 -24.56
C SER A 184 2.85 32.35 -24.54
N GLY A 185 3.05 31.31 -25.33
CA GLY A 185 4.35 30.70 -25.47
C GLY A 185 4.49 29.47 -24.58
N SER A 186 5.65 28.85 -24.72
CA SER A 186 5.92 27.57 -24.10
C SER A 186 7.09 27.72 -23.14
N PHE A 187 7.06 26.91 -22.08
CA PHE A 187 8.24 26.80 -21.23
C PHE A 187 9.42 26.22 -21.98
N GLY A 188 9.19 25.48 -23.07
CA GLY A 188 10.29 25.03 -23.90
C GLY A 188 11.17 26.16 -24.38
N ASP A 189 10.59 27.33 -24.66
CA ASP A 189 11.27 28.47 -25.25
C ASP A 189 11.71 29.51 -24.23
N ALA A 190 11.65 29.18 -22.94
CA ALA A 190 12.02 30.12 -21.89
C ALA A 190 13.52 30.36 -21.89
N THR A 191 13.93 31.54 -21.43
CA THR A 191 15.34 31.87 -21.25
C THR A 191 15.67 32.33 -19.83
N GLY A 192 14.68 32.49 -18.97
CA GLY A 192 14.93 32.85 -17.59
C GLY A 192 13.64 33.22 -16.90
N PHE A 193 13.73 33.33 -15.58
CA PHE A 193 12.60 33.62 -14.73
C PHE A 193 12.94 34.73 -13.76
N THR A 194 11.96 35.58 -13.49
CA THR A 194 12.03 36.58 -12.43
C THR A 194 10.67 36.66 -11.74
N VAL A 195 10.68 37.12 -10.49
CA VAL A 195 9.48 37.64 -9.86
C VAL A 195 9.57 39.15 -9.87
N GLN A 196 8.53 39.81 -10.38
CA GLN A 196 8.53 41.25 -10.38
C GLN A 196 7.15 41.73 -9.94
N ASP A 197 7.14 42.55 -8.89
CA ASP A 197 5.91 43.03 -8.25
C ASP A 197 5.01 41.87 -7.84
N GLY A 198 5.62 40.92 -7.10
CA GLY A 198 4.89 39.76 -6.60
C GLY A 198 4.27 38.90 -7.68
N GLN A 199 4.88 38.88 -8.85
CA GLN A 199 4.36 38.15 -10.00
C GLN A 199 5.52 37.53 -10.75
N LEU A 200 5.37 36.28 -11.15
CA LEU A 200 6.45 35.59 -11.82
C LEU A 200 6.43 35.90 -13.31
N VAL A 201 7.61 36.17 -13.87
CA VAL A 201 7.75 36.65 -15.25
C VAL A 201 8.79 35.80 -15.98
N VAL A 202 8.33 35.06 -17.00
CA VAL A 202 9.17 34.16 -17.78
C VAL A 202 9.66 34.89 -19.03
N ALA A 203 10.96 34.83 -19.29
CA ALA A 203 11.57 35.55 -20.41
C ALA A 203 11.59 34.64 -21.65
N LEU A 204 10.71 34.92 -22.60
CA LEU A 204 10.71 34.28 -23.92
C LEU A 204 11.79 34.92 -24.81
N PRO A 205 12.03 34.40 -26.02
CA PRO A 205 13.10 34.97 -26.84
C PRO A 205 12.78 36.37 -27.34
N ASP A 206 11.53 36.64 -27.67
CA ASP A 206 11.13 37.92 -28.24
C ASP A 206 10.42 38.83 -27.25
N LYS A 207 9.74 38.26 -26.26
CA LYS A 207 8.93 39.05 -25.33
C LYS A 207 9.13 38.50 -23.91
N SER A 208 8.16 38.80 -23.05
CA SER A 208 8.09 38.23 -21.72
C SER A 208 6.63 37.91 -21.44
N THR A 209 6.40 36.86 -20.66
CA THR A 209 5.04 36.45 -20.34
C THR A 209 4.99 36.04 -18.86
N GLY A 210 3.78 35.96 -18.34
CA GLY A 210 3.52 35.47 -17.00
C GLY A 210 2.57 34.27 -17.09
N LEU A 211 2.21 33.77 -15.91
CA LEU A 211 1.32 32.62 -15.84
C LEU A 211 -0.05 32.96 -16.37
N ALA A 212 -0.62 32.05 -17.15
CA ALA A 212 -2.03 32.19 -17.52
C ALA A 212 -2.89 32.33 -16.28
N ASN A 213 -2.55 31.58 -15.23
CA ASN A 213 -3.15 31.72 -13.92
C ASN A 213 -2.05 32.10 -12.94
N PRO A 214 -1.81 33.39 -12.72
CA PRO A 214 -0.78 33.78 -11.76
C PRO A 214 -0.99 33.21 -10.39
N GLY A 215 -2.21 32.81 -10.05
CA GLY A 215 -2.45 32.15 -8.77
C GLY A 215 -1.53 30.97 -8.56
N GLN A 216 -1.25 30.22 -9.62
CA GLN A 216 -0.37 29.05 -9.58
C GLN A 216 1.06 29.36 -9.17
N PHE A 217 1.45 30.64 -9.13
CA PHE A 217 2.76 30.99 -8.63
C PHE A 217 2.75 30.89 -7.11
N ALA A 218 3.65 30.08 -6.55
CA ALA A 218 3.60 29.76 -5.12
C ALA A 218 4.73 30.37 -4.32
N GLY A 219 5.87 30.63 -4.93
CA GLY A 219 6.98 31.20 -4.21
C GLY A 219 8.27 30.93 -4.94
N TYR A 220 9.36 31.34 -4.32
CA TYR A 220 10.66 31.15 -4.92
C TYR A 220 11.71 31.10 -3.83
N THR A 221 12.94 30.80 -4.23
CA THR A 221 14.09 30.95 -3.37
C THR A 221 15.14 31.78 -4.08
N GLY A 222 16.10 32.30 -3.31
CA GLY A 222 17.12 33.20 -3.83
C GLY A 222 16.61 34.62 -4.04
N ALA A 223 17.49 35.45 -4.56
CA ALA A 223 17.13 36.83 -4.86
C ALA A 223 16.10 36.85 -5.99
N ALA A 224 15.01 37.58 -5.79
CA ALA A 224 13.88 37.56 -6.72
C ALA A 224 14.29 37.96 -8.13
N GLU A 225 15.36 38.75 -8.27
CA GLU A 225 15.75 39.19 -9.60
C GLU A 225 16.25 38.02 -10.43
N SER A 226 16.92 37.04 -9.81
CA SER A 226 17.29 35.78 -10.46
C SER A 226 17.16 34.67 -9.41
N PRO A 227 15.99 34.05 -9.31
CA PRO A 227 15.74 33.11 -8.21
C PRO A 227 16.52 31.83 -8.39
N THR A 228 16.96 31.24 -7.26
CA THR A 228 17.62 29.95 -7.34
C THR A 228 16.66 28.81 -7.68
N SER A 229 15.35 29.07 -7.61
CA SER A 229 14.31 28.11 -7.93
C SER A 229 12.98 28.83 -7.89
N VAL A 230 12.03 28.34 -8.68
CA VAL A 230 10.69 28.90 -8.75
C VAL A 230 9.73 27.81 -8.31
N LEU A 231 8.91 28.12 -7.31
CA LEU A 231 7.96 27.18 -6.74
C LEU A 231 6.60 27.44 -7.32
N LEU A 232 5.98 26.38 -7.85
CA LEU A 232 4.64 26.45 -8.41
C LEU A 232 3.72 25.49 -7.69
N ILE A 233 2.42 25.70 -7.92
CA ILE A 233 1.41 24.82 -7.41
C ILE A 233 0.42 24.55 -8.53
N ASN A 234 -0.18 23.37 -8.49
CA ASN A 234 -1.28 23.05 -9.38
C ASN A 234 -2.01 21.89 -8.74
N HIS A 235 -3.33 22.00 -8.67
CA HIS A 235 -4.17 20.94 -8.11
C HIS A 235 -3.76 20.59 -6.68
N GLY A 236 -3.25 21.59 -5.95
CA GLY A 236 -2.74 21.40 -4.61
C GLY A 236 -1.35 20.83 -4.52
N LEU A 237 -0.78 20.36 -5.63
CA LEU A 237 0.51 19.70 -5.63
C LEU A 237 1.58 20.64 -6.17
N HIS A 238 2.78 20.55 -5.59
CA HIS A 238 3.82 21.55 -5.80
C HIS A 238 4.84 21.14 -6.85
N ILE A 239 5.20 22.10 -7.69
CA ILE A 239 6.24 21.94 -8.67
C ILE A 239 7.33 22.94 -8.33
N GLU A 240 8.58 22.49 -8.31
CA GLU A 240 9.71 23.39 -8.13
C GLU A 240 10.64 23.29 -9.33
N ILE A 241 10.87 24.42 -9.99
CA ILE A 241 11.88 24.49 -11.03
C ILE A 241 13.16 24.96 -10.35
N LEU A 242 14.20 24.12 -10.39
CA LEU A 242 15.49 24.49 -9.82
C LEU A 242 16.33 25.15 -10.90
N ILE A 243 16.78 26.38 -10.63
CA ILE A 243 17.55 27.17 -11.59
C ILE A 243 18.99 27.27 -11.11
N ASP A 244 19.89 26.53 -11.76
CA ASP A 244 21.31 26.68 -11.50
C ASP A 244 22.09 26.55 -12.81
N PRO A 245 22.34 27.67 -13.48
CA PRO A 245 22.94 27.62 -14.82
C PRO A 245 24.32 26.98 -14.90
N GLU A 246 25.10 26.88 -13.81
CA GLU A 246 26.43 26.28 -13.92
C GLU A 246 26.47 24.82 -13.50
N SER A 247 25.33 24.23 -13.13
CA SER A 247 25.26 22.78 -12.99
C SER A 247 25.40 22.10 -14.35
N GLN A 248 25.86 20.84 -14.33
CA GLN A 248 26.16 20.12 -15.56
C GLN A 248 24.95 20.12 -16.50
N VAL A 249 23.78 19.75 -16.00
CA VAL A 249 22.58 19.74 -16.84
C VAL A 249 22.14 21.16 -17.15
N GLY A 250 22.29 22.07 -16.18
CA GLY A 250 21.80 23.42 -16.33
C GLY A 250 22.56 24.27 -17.33
N THR A 251 23.84 23.94 -17.59
CA THR A 251 24.62 24.73 -18.54
C THR A 251 24.07 24.59 -19.96
N THR A 252 23.62 23.39 -20.34
CA THR A 252 23.09 23.13 -21.67
C THR A 252 21.60 23.43 -21.78
N ASP A 253 21.01 24.08 -20.78
CA ASP A 253 19.58 24.35 -20.79
C ASP A 253 19.34 25.82 -21.12
N ARG A 254 18.30 26.07 -21.91
CA ARG A 254 18.07 27.42 -22.43
C ARG A 254 17.72 28.42 -21.34
N ALA A 255 17.10 27.97 -20.25
CA ALA A 255 16.85 28.84 -19.11
C ALA A 255 17.67 28.44 -17.89
N GLY A 256 18.74 27.66 -18.09
CA GLY A 256 19.61 27.29 -17.00
C GLY A 256 19.03 26.29 -16.02
N VAL A 257 17.92 25.64 -16.39
CA VAL A 257 17.19 24.82 -15.43
C VAL A 257 17.96 23.56 -15.09
N LYS A 258 18.00 23.22 -13.80
CA LYS A 258 18.78 22.12 -13.25
C LYS A 258 17.97 20.87 -12.98
N ASP A 259 16.64 21.00 -12.87
CA ASP A 259 15.76 19.91 -12.47
C ASP A 259 14.35 20.45 -12.27
N VAL A 260 13.35 19.59 -12.45
CA VAL A 260 11.98 19.87 -12.06
C VAL A 260 11.65 18.96 -10.88
N ILE A 261 11.41 19.55 -9.72
CA ILE A 261 11.12 18.81 -8.49
C ILE A 261 9.61 18.75 -8.33
N LEU A 262 9.07 17.55 -8.12
CA LEU A 262 7.64 17.35 -7.96
C LEU A 262 7.32 16.86 -6.55
N GLU A 263 6.40 17.56 -5.88
CA GLU A 263 5.77 16.98 -4.69
C GLU A 263 5.11 15.64 -5.04
N SER A 264 5.57 14.56 -4.40
CA SER A 264 5.28 13.22 -4.92
C SER A 264 4.49 12.40 -3.92
N ALA A 265 5.19 11.64 -3.07
CA ALA A 265 4.55 10.83 -2.04
C ALA A 265 3.94 11.76 -1.00
N ILE A 266 2.64 12.03 -1.11
CA ILE A 266 2.01 12.94 -0.16
C ILE A 266 1.90 12.26 1.21
N THR A 267 1.44 11.01 1.22
CA THR A 267 1.40 10.16 2.40
C THR A 267 2.20 8.89 2.14
N THR A 268 2.70 8.28 3.20
CA THR A 268 3.37 6.99 3.08
C THR A 268 2.79 6.05 4.12
N ILE A 269 2.57 4.80 3.74
CA ILE A 269 2.13 3.78 4.67
C ILE A 269 3.34 2.93 5.04
N MET A 270 3.76 3.03 6.31
CA MET A 270 4.73 2.11 6.86
C MET A 270 4.03 0.80 7.24
N ASP A 271 4.51 -0.32 6.69
CA ASP A 271 3.75 -1.57 6.58
C ASP A 271 4.27 -2.66 7.53
N PHE A 272 3.39 -3.14 8.41
CA PHE A 272 3.67 -4.32 9.21
C PHE A 272 3.06 -5.60 8.67
N GLU A 273 2.27 -5.49 7.60
CA GLU A 273 1.49 -6.62 7.12
C GLU A 273 2.15 -7.29 5.90
N ASP A 274 1.49 -7.26 4.74
CA ASP A 274 1.83 -8.18 3.65
C ASP A 274 3.23 -7.98 3.07
N SER A 275 3.88 -6.84 3.27
CA SER A 275 5.17 -6.63 2.63
C SER A 275 6.35 -6.91 3.54
N VAL A 276 6.12 -7.45 4.75
CA VAL A 276 7.20 -7.82 5.67
C VAL A 276 6.97 -9.22 6.20
N ALA A 277 8.07 -9.88 6.57
CA ALA A 277 8.05 -11.19 7.22
C ALA A 277 8.47 -11.00 8.67
N ALA A 278 7.56 -11.29 9.60
CA ALA A 278 7.84 -11.03 11.00
C ALA A 278 7.08 -12.05 11.82
N VAL A 279 7.79 -13.03 12.39
CA VAL A 279 7.16 -14.25 12.91
C VAL A 279 7.43 -14.50 14.38
N ASP A 280 8.26 -13.69 15.05
CA ASP A 280 8.55 -13.82 16.47
C ASP A 280 8.81 -12.43 17.04
N ALA A 281 9.02 -12.36 18.36
CA ALA A 281 9.19 -11.06 18.98
C ALA A 281 10.43 -10.36 18.45
N ALA A 282 11.46 -11.12 18.08
CA ALA A 282 12.64 -10.50 17.49
C ALA A 282 12.26 -9.72 16.23
N ASP A 283 11.45 -10.31 15.36
CA ASP A 283 11.07 -9.67 14.12
C ASP A 283 10.23 -8.42 14.37
N LYS A 284 9.20 -8.55 15.19
CA LYS A 284 8.32 -7.43 15.47
C LYS A 284 9.08 -6.25 16.06
N VAL A 285 10.13 -6.52 16.83
CA VAL A 285 10.90 -5.43 17.44
C VAL A 285 11.69 -4.66 16.38
N LEU A 286 12.22 -5.35 15.38
CA LEU A 286 12.93 -4.66 14.30
C LEU A 286 12.02 -3.65 13.62
N GLY A 287 10.79 -4.08 13.30
CA GLY A 287 9.83 -3.16 12.72
C GLY A 287 9.43 -2.05 13.68
N TYR A 288 9.00 -2.42 14.89
CA TYR A 288 8.65 -1.42 15.89
C TYR A 288 9.77 -0.40 16.07
N ARG A 289 11.03 -0.84 16.12
CA ARG A 289 12.12 0.11 16.36
C ARG A 289 12.27 1.08 15.21
N ASN A 290 12.18 0.57 13.98
CA ASN A 290 12.15 1.45 12.81
C ASN A 290 10.94 2.39 12.85
N TRP A 291 9.80 1.90 13.31
CA TRP A 291 8.63 2.76 13.40
C TRP A 291 8.86 3.87 14.41
N LEU A 292 9.56 3.55 15.50
CA LEU A 292 9.86 4.56 16.53
C LEU A 292 10.87 5.59 16.02
N GLY A 293 11.86 5.15 15.24
CA GLY A 293 12.84 6.09 14.72
C GLY A 293 12.23 7.05 13.73
N LEU A 294 11.24 6.59 12.95
CA LEU A 294 10.53 7.49 12.04
C LEU A 294 9.73 8.51 12.82
N ASN A 295 9.17 8.10 13.96
CA ASN A 295 8.30 9.00 14.70
C ASN A 295 9.11 9.98 15.54
N LYS A 296 10.33 9.61 15.91
CA LYS A 296 11.17 10.49 16.69
C LYS A 296 12.00 11.40 15.82
N GLY A 297 12.08 11.13 14.52
CA GLY A 297 12.80 11.97 13.58
C GLY A 297 14.26 11.64 13.41
N ASP A 298 14.73 10.53 14.00
CA ASP A 298 16.16 10.23 14.09
C ASP A 298 16.55 8.91 13.44
N LEU A 299 15.62 8.21 12.77
CA LEU A 299 15.99 7.04 11.98
C LEU A 299 17.08 7.43 10.98
N ALA A 300 18.13 6.62 10.91
CA ALA A 300 19.29 6.97 10.11
C ALA A 300 20.04 5.70 9.68
N ALA A 301 20.44 5.68 8.40
CA ALA A 301 21.30 4.63 7.85
C ALA A 301 22.71 5.16 7.59
N PHE A 310 27.72 5.55 4.62
CA PHE A 310 26.29 5.83 4.79
C PHE A 310 25.97 7.17 5.47
N LEU A 311 25.07 7.12 6.45
CA LEU A 311 24.43 8.25 7.14
C LEU A 311 23.38 8.90 6.24
N ARG A 312 22.26 8.23 6.08
CA ARG A 312 21.10 8.84 5.45
C ARG A 312 20.11 9.15 6.55
N VAL A 313 19.50 10.34 6.50
CA VAL A 313 18.64 10.82 7.58
C VAL A 313 17.37 11.41 6.99
N LEU A 314 16.42 11.70 7.87
CA LEU A 314 15.13 12.24 7.44
C LEU A 314 15.25 13.74 7.22
N ASN A 315 14.55 14.22 6.18
CA ASN A 315 14.70 15.59 5.70
C ASN A 315 13.94 16.59 6.54
N ARG A 316 14.44 17.82 6.58
CA ARG A 316 13.74 18.88 7.28
C ARG A 316 12.73 19.56 6.36
N ASP A 317 11.90 20.41 6.95
CA ASP A 317 10.95 21.15 6.15
C ASP A 317 11.68 22.06 5.17
N ARG A 318 10.91 22.66 4.26
CA ARG A 318 11.44 23.42 3.14
C ARG A 318 10.99 24.87 3.25
N ASN A 319 11.96 25.77 3.30
CA ASN A 319 11.71 27.20 3.39
C ASN A 319 11.63 27.83 2.00
N TYR A 320 10.64 28.69 1.80
CA TYR A 320 10.44 29.42 0.56
C TYR A 320 10.21 30.89 0.86
N THR A 321 10.05 31.67 -0.20
CA THR A 321 9.70 33.08 -0.13
C THR A 321 8.38 33.27 -0.86
N ALA A 322 7.40 33.87 -0.17
CA ALA A 322 6.10 34.09 -0.79
C ALA A 322 6.23 35.03 -2.00
N PRO A 323 5.25 35.02 -2.91
CA PRO A 323 5.31 36.00 -4.02
C PRO A 323 5.30 37.43 -3.52
N GLY A 324 4.48 37.73 -2.51
CA GLY A 324 4.50 39.06 -1.91
C GLY A 324 5.83 39.42 -1.27
N GLY A 325 6.53 38.44 -0.69
CA GLY A 325 7.86 38.71 -0.18
C GLY A 325 8.14 38.11 1.17
N GLY A 326 7.10 37.67 1.86
CA GLY A 326 7.24 37.03 3.15
C GLY A 326 7.93 35.67 3.06
N GLN A 327 7.87 34.95 4.18
CA GLN A 327 8.47 33.64 4.27
C GLN A 327 7.39 32.62 4.60
N PHE A 328 7.59 31.41 4.12
CA PHE A 328 6.77 30.31 4.58
C PHE A 328 7.60 29.04 4.53
N THR A 329 6.95 27.94 4.81
CA THR A 329 7.63 26.67 4.94
C THR A 329 6.64 25.58 4.54
N LEU A 330 7.17 24.43 4.16
CA LEU A 330 6.36 23.36 3.60
C LEU A 330 6.80 22.02 4.18
N PRO A 331 5.87 21.09 4.35
CA PRO A 331 6.21 19.75 4.85
C PRO A 331 7.25 19.08 3.98
N GLY A 332 8.41 18.78 4.56
CA GLY A 332 9.46 18.10 3.84
C GLY A 332 9.39 16.59 3.85
N ARG A 333 8.58 15.99 4.73
CA ARG A 333 8.47 14.55 4.82
C ARG A 333 7.06 14.13 4.42
N SER A 334 6.92 12.86 4.10
CA SER A 334 5.62 12.29 3.79
C SER A 334 4.87 12.07 5.10
N LEU A 335 3.60 12.49 5.13
CA LEU A 335 2.72 12.12 6.25
C LEU A 335 2.60 10.61 6.32
N MET A 336 2.76 10.06 7.52
CA MET A 336 2.97 8.62 7.69
C MET A 336 1.73 7.97 8.28
N PHE A 337 1.17 7.00 7.55
CA PHE A 337 0.34 5.97 8.11
C PHE A 337 1.22 4.84 8.61
N VAL A 338 0.62 3.95 9.39
CA VAL A 338 1.22 2.66 9.68
C VAL A 338 0.14 1.63 9.41
N ARG A 339 0.48 0.57 8.69
CA ARG A 339 -0.50 -0.51 8.46
C ARG A 339 -0.24 -1.60 9.49
N ASN A 340 -1.18 -1.73 10.44
CA ASN A 340 -1.15 -2.83 11.38
C ASN A 340 -1.49 -4.13 10.65
N VAL A 341 -1.30 -5.26 11.31
CA VAL A 341 -1.83 -6.50 10.77
C VAL A 341 -3.30 -6.55 11.17
N GLY A 342 -4.05 -7.49 10.62
CA GLY A 342 -5.48 -7.57 10.83
C GLY A 342 -5.84 -8.59 11.89
N HIS A 343 -7.10 -8.98 11.88
CA HIS A 343 -7.63 -9.77 12.99
C HIS A 343 -7.11 -11.22 13.03
N LEU A 344 -6.44 -11.71 11.99
CA LEU A 344 -6.27 -13.15 11.87
C LEU A 344 -5.19 -13.70 12.80
N MET A 345 -3.98 -13.20 12.68
CA MET A 345 -2.86 -13.98 13.21
C MET A 345 -2.64 -13.72 14.69
N THR A 346 -2.00 -14.70 15.33
CA THR A 346 -1.38 -14.52 16.63
C THR A 346 0.13 -14.62 16.49
N ASN A 347 0.82 -14.07 17.46
CA ASN A 347 2.27 -14.08 17.52
C ASN A 347 2.69 -14.48 18.93
N ASP A 348 3.79 -15.21 19.05
CA ASP A 348 4.23 -15.66 20.35
C ASP A 348 5.14 -14.65 21.03
N ALA A 349 5.30 -13.46 20.44
CA ALA A 349 5.93 -12.38 21.20
C ALA A 349 5.31 -12.22 22.58
N ILE A 350 4.02 -12.57 22.71
CA ILE A 350 3.34 -12.66 23.98
C ILE A 350 2.52 -13.94 23.97
N VAL A 351 2.61 -14.70 25.05
CA VAL A 351 1.77 -15.85 25.32
C VAL A 351 1.24 -15.76 26.74
N ASP A 352 0.13 -16.45 27.00
CA ASP A 352 -0.47 -16.44 28.33
C ASP A 352 0.02 -17.65 29.15
N THR A 353 -0.61 -17.85 30.31
CA THR A 353 -0.18 -18.89 31.23
C THR A 353 -0.42 -20.29 30.66
N ASP A 354 -1.53 -20.49 29.93
CA ASP A 354 -1.77 -21.72 29.17
C ASP A 354 -0.82 -21.89 28.01
N GLY A 355 -0.04 -20.87 27.66
CA GLY A 355 0.82 -20.90 26.49
C GLY A 355 0.20 -20.41 25.19
N SER A 356 -1.07 -19.99 25.21
CA SER A 356 -1.74 -19.48 24.01
C SER A 356 -1.06 -18.22 23.46
N GLU A 357 -0.82 -18.19 22.14
CA GLU A 357 -0.26 -17.01 21.49
C GLU A 357 -1.29 -15.90 21.42
N VAL A 358 -0.80 -14.68 21.51
CA VAL A 358 -1.65 -13.50 21.62
C VAL A 358 -1.93 -12.94 20.21
N PHE A 359 -3.12 -12.37 20.04
CA PHE A 359 -3.53 -11.87 18.72
C PHE A 359 -2.64 -10.72 18.26
N GLU A 360 -1.91 -10.93 17.15
CA GLU A 360 -0.97 -9.93 16.68
C GLU A 360 -1.63 -8.60 16.31
N GLY A 361 -2.90 -8.64 15.92
CA GLY A 361 -3.58 -7.39 15.64
C GLY A 361 -3.68 -6.50 16.85
N ILE A 362 -4.07 -7.09 17.99
CA ILE A 362 -4.18 -6.31 19.22
C ILE A 362 -2.83 -5.78 19.63
N MET A 363 -1.79 -6.59 19.46
CA MET A 363 -0.44 -6.15 19.84
C MET A 363 -0.01 -4.93 19.04
N ASP A 364 -0.34 -4.91 17.75
CA ASP A 364 0.07 -3.77 16.94
C ASP A 364 -0.65 -2.49 17.34
N ALA A 365 -1.91 -2.56 17.77
CA ALA A 365 -2.62 -1.33 18.12
C ALA A 365 -2.03 -0.69 19.36
N LEU A 366 -1.66 -1.51 20.34
CA LEU A 366 -0.99 -1.03 21.55
C LEU A 366 0.40 -0.49 21.23
N PHE A 367 1.22 -1.25 20.50
CA PHE A 367 2.62 -0.89 20.33
C PHE A 367 2.82 0.15 19.22
N THR A 368 2.17 0.01 18.07
CA THR A 368 2.33 1.06 17.07
C THR A 368 1.65 2.37 17.48
N GLY A 369 0.52 2.27 18.19
CA GLY A 369 -0.09 3.43 18.83
C GLY A 369 0.81 4.15 19.83
N LEU A 370 1.28 3.43 20.85
CA LEU A 370 2.21 3.99 21.81
C LEU A 370 3.34 4.74 21.11
N ILE A 371 4.05 4.05 20.21
CA ILE A 371 5.19 4.60 19.49
C ILE A 371 4.80 5.89 18.73
N ALA A 372 3.57 5.94 18.19
CA ALA A 372 3.15 7.09 17.40
C ALA A 372 3.03 8.39 18.20
N ILE A 373 2.94 8.29 19.53
CA ILE A 373 2.87 9.51 20.34
C ILE A 373 4.09 10.39 20.11
N HIS A 374 5.25 9.77 19.89
CA HIS A 374 6.45 10.52 19.55
C HIS A 374 6.27 11.35 18.29
N GLY A 375 5.44 10.87 17.36
CA GLY A 375 5.21 11.57 16.11
C GLY A 375 4.45 12.87 16.28
N LEU A 376 3.74 13.04 17.40
CA LEU A 376 3.02 14.25 17.72
C LEU A 376 3.83 15.21 18.58
N LYS A 377 5.12 14.99 18.72
CA LYS A 377 5.92 15.65 19.74
C LYS A 377 7.18 16.19 19.10
N ALA A 378 7.78 17.18 19.77
CA ALA A 378 8.94 17.89 19.26
C ALA A 378 10.17 17.07 19.52
N SER A 379 10.54 16.28 18.51
CA SER A 379 11.86 15.64 18.40
C SER A 379 12.32 15.90 16.98
N ASP A 380 13.31 16.77 16.84
CA ASP A 380 13.78 17.24 15.54
C ASP A 380 12.63 17.84 14.73
N ILE A 386 8.17 15.55 14.02
CA ILE A 386 6.73 15.80 13.98
C ILE A 386 6.05 15.19 12.74
N ASN A 387 4.87 14.59 12.93
CA ASN A 387 4.19 13.86 11.86
C ASN A 387 2.81 14.47 11.58
N SER A 388 1.88 14.39 12.51
CA SER A 388 0.51 14.88 12.31
C SER A 388 0.41 16.23 12.99
N ARG A 389 0.45 17.31 12.21
CA ARG A 389 0.33 18.62 12.82
C ARG A 389 -1.05 18.86 13.43
N THR A 390 -2.02 17.97 13.24
CA THR A 390 -3.34 18.19 13.79
C THR A 390 -3.71 17.28 14.96
N GLY A 391 -2.88 16.29 15.28
CA GLY A 391 -3.09 15.49 16.48
C GLY A 391 -3.45 14.04 16.26
N SER A 392 -3.48 13.54 15.04
CA SER A 392 -4.08 12.23 14.78
C SER A 392 -3.02 11.16 14.54
N ILE A 393 -3.41 9.92 14.77
CA ILE A 393 -2.58 8.76 14.50
C ILE A 393 -3.27 7.92 13.42
N TYR A 394 -2.55 7.60 12.36
CA TYR A 394 -3.16 7.00 11.18
C TYR A 394 -2.78 5.53 11.04
N ILE A 395 -3.76 4.65 11.25
CA ILE A 395 -3.58 3.21 11.19
C ILE A 395 -4.39 2.64 10.03
N VAL A 396 -3.71 2.03 9.06
CA VAL A 396 -4.38 1.25 8.03
C VAL A 396 -4.73 -0.11 8.62
N LYS A 397 -6.00 -0.47 8.56
CA LYS A 397 -6.41 -1.77 9.08
C LYS A 397 -6.84 -2.69 7.94
N PRO A 398 -6.06 -3.72 7.63
CA PRO A 398 -6.36 -4.57 6.46
C PRO A 398 -7.32 -5.71 6.78
N LYS A 399 -7.76 -6.39 5.71
CA LYS A 399 -8.34 -7.74 5.76
C LYS A 399 -9.50 -7.89 6.75
N MET A 400 -10.35 -6.87 6.84
CA MET A 400 -11.57 -6.97 7.63
C MET A 400 -12.73 -7.47 6.77
N HIS A 401 -13.62 -8.22 7.41
CA HIS A 401 -14.77 -8.88 6.79
C HIS A 401 -16.01 -8.36 7.49
N GLY A 402 -16.57 -7.27 6.96
CA GLY A 402 -17.90 -6.85 7.32
C GLY A 402 -17.91 -5.66 8.26
N PRO A 403 -19.10 -5.21 8.65
CA PRO A 403 -19.17 -4.07 9.59
C PRO A 403 -18.84 -4.45 11.02
N ALA A 404 -19.20 -5.65 11.48
CA ALA A 404 -18.89 -5.98 12.86
C ALA A 404 -17.39 -6.04 13.08
N GLU A 405 -16.62 -6.35 12.04
CA GLU A 405 -15.18 -6.36 12.22
C GLU A 405 -14.61 -4.94 12.20
N VAL A 406 -15.32 -3.99 11.57
CA VAL A 406 -14.92 -2.59 11.68
C VAL A 406 -15.15 -2.10 13.11
N ALA A 407 -16.33 -2.40 13.67
CA ALA A 407 -16.65 -1.93 15.01
C ALA A 407 -15.67 -2.47 16.03
N PHE A 408 -15.25 -3.73 15.86
CA PHE A 408 -14.28 -4.33 16.77
C PHE A 408 -12.95 -3.60 16.72
N THR A 409 -12.52 -3.19 15.53
CA THR A 409 -11.32 -2.36 15.42
C THR A 409 -11.51 -1.04 16.14
N CYS A 410 -12.68 -0.41 15.96
CA CYS A 410 -13.02 0.81 16.70
C CYS A 410 -12.86 0.60 18.20
N GLU A 411 -13.53 -0.42 18.74
CA GLU A 411 -13.47 -0.70 20.16
C GLU A 411 -12.03 -0.93 20.62
N LEU A 412 -11.25 -1.66 19.82
CA LEU A 412 -9.85 -1.90 20.15
C LEU A 412 -9.07 -0.58 20.25
N PHE A 413 -9.26 0.33 19.29
CA PHE A 413 -8.56 1.61 19.35
C PHE A 413 -8.99 2.43 20.55
N SER A 414 -10.30 2.44 20.82
CA SER A 414 -10.81 3.12 22.02
C SER A 414 -10.11 2.62 23.28
N ARG A 415 -9.96 1.30 23.42
CA ARG A 415 -9.34 0.79 24.64
C ARG A 415 -7.82 1.06 24.66
N VAL A 416 -7.18 1.13 23.49
CA VAL A 416 -5.75 1.41 23.45
C VAL A 416 -5.51 2.89 23.74
N GLU A 417 -6.43 3.76 23.31
CA GLU A 417 -6.25 5.18 23.58
C GLU A 417 -6.18 5.47 25.08
N ASP A 418 -7.13 4.93 25.86
CA ASP A 418 -7.09 5.34 27.25
C ASP A 418 -5.98 4.64 28.03
N VAL A 419 -5.61 3.41 27.66
CA VAL A 419 -4.37 2.85 28.19
C VAL A 419 -3.18 3.76 27.87
N LEU A 420 -3.23 4.46 26.75
CA LEU A 420 -2.14 5.33 26.32
C LEU A 420 -2.30 6.79 26.76
N GLY A 421 -3.48 7.19 27.21
CA GLY A 421 -3.64 8.52 27.75
C GLY A 421 -4.05 9.56 26.74
N LEU A 422 -4.38 9.15 25.52
CA LEU A 422 -4.76 9.89 24.34
C LEU A 422 -6.25 10.17 24.34
N PRO A 423 -6.66 11.39 23.98
CA PRO A 423 -8.07 11.67 23.78
C PRO A 423 -8.70 10.64 22.83
N GLN A 424 -9.99 10.38 23.03
CA GLN A 424 -10.68 9.39 22.20
C GLN A 424 -10.71 9.85 20.75
N ASN A 425 -10.71 8.86 19.85
CA ASN A 425 -10.69 9.04 18.39
C ASN A 425 -9.41 9.70 17.90
N THR A 426 -8.33 9.60 18.68
CA THR A 426 -7.03 10.02 18.18
C THR A 426 -6.54 9.08 17.09
N MET A 427 -6.67 7.78 17.30
CA MET A 427 -6.23 6.78 16.31
C MET A 427 -7.29 6.64 15.22
N LYS A 428 -7.06 7.30 14.07
CA LYS A 428 -7.92 7.20 12.91
C LYS A 428 -7.59 5.93 12.12
N ILE A 429 -8.52 5.49 11.30
CA ILE A 429 -8.37 4.21 10.61
C ILE A 429 -8.57 4.39 9.10
N GLY A 430 -7.61 3.93 8.33
CA GLY A 430 -7.78 3.78 6.90
C GLY A 430 -8.32 2.40 6.59
N ILE A 431 -9.52 2.32 6.02
CA ILE A 431 -10.24 1.06 5.84
C ILE A 431 -9.81 0.43 4.54
N MET A 432 -9.29 -0.80 4.59
CA MET A 432 -9.05 -1.53 3.35
C MET A 432 -10.37 -2.19 2.91
N ASP A 433 -10.71 -2.00 1.64
CA ASP A 433 -11.82 -2.69 0.99
C ASP A 433 -11.17 -3.78 0.16
N GLU A 434 -10.94 -4.93 0.78
CA GLU A 434 -10.16 -5.99 0.14
C GLU A 434 -10.69 -7.37 0.53
N GLU A 435 -11.89 -7.44 1.07
CA GLU A 435 -12.52 -8.70 1.42
C GLU A 435 -13.97 -8.62 1.01
N ARG A 436 -14.47 -9.70 0.40
CA ARG A 436 -15.76 -9.65 -0.29
C ARG A 436 -16.90 -9.28 0.66
N ARG A 437 -16.89 -9.82 1.89
CA ARG A 437 -17.95 -9.48 2.83
CA ARG A 437 -17.93 -9.50 2.87
C ARG A 437 -17.88 -8.04 3.29
N THR A 438 -16.72 -7.37 3.13
CA THR A 438 -16.63 -5.93 3.31
C THR A 438 -17.18 -5.20 2.08
N THR A 439 -16.72 -5.59 0.89
CA THR A 439 -17.23 -5.01 -0.36
C THR A 439 -18.75 -4.88 -0.32
N VAL A 440 -19.46 -6.00 -0.16
CA VAL A 440 -20.92 -6.00 -0.31
C VAL A 440 -21.64 -5.38 0.88
N ASN A 441 -20.90 -4.85 1.87
CA ASN A 441 -21.47 -4.14 3.02
C ASN A 441 -20.66 -2.90 3.30
N LEU A 442 -20.04 -2.35 2.27
CA LEU A 442 -19.05 -1.29 2.48
C LEU A 442 -19.62 -0.10 3.25
N LYS A 443 -20.82 0.36 2.90
CA LYS A 443 -21.39 1.54 3.56
C LYS A 443 -21.57 1.30 5.05
N ALA A 444 -21.97 0.10 5.44
CA ALA A 444 -22.14 -0.21 6.86
C ALA A 444 -20.78 -0.26 7.57
N CYS A 445 -19.74 -0.75 6.86
CA CYS A 445 -18.36 -0.66 7.36
C CYS A 445 -17.92 0.79 7.60
N ILE A 446 -18.14 1.66 6.61
CA ILE A 446 -17.84 3.08 6.80
C ILE A 446 -18.64 3.66 7.96
N LYS A 447 -19.94 3.34 8.02
CA LYS A 447 -20.75 3.85 9.13
C LYS A 447 -20.19 3.39 10.46
N ALA A 448 -19.74 2.14 10.53
CA ALA A 448 -19.20 1.59 11.76
C ALA A 448 -17.99 2.36 12.27
N ALA A 449 -17.34 3.15 11.41
CA ALA A 449 -16.14 3.91 11.75
C ALA A 449 -16.31 5.39 11.50
N ALA A 450 -17.57 5.87 11.45
CA ALA A 450 -17.89 7.20 10.95
C ALA A 450 -17.05 8.31 11.56
N ASP A 451 -16.66 8.19 12.83
CA ASP A 451 -15.92 9.26 13.47
C ASP A 451 -14.42 8.96 13.59
N ARG A 452 -13.98 7.86 13.02
CA ARG A 452 -12.56 7.56 12.90
C ARG A 452 -12.07 7.49 11.45
N VAL A 453 -12.92 7.05 10.52
CA VAL A 453 -12.44 6.64 9.21
C VAL A 453 -11.69 7.78 8.54
N VAL A 454 -10.50 7.47 8.04
CA VAL A 454 -9.65 8.47 7.41
C VAL A 454 -9.36 8.16 5.94
N PHE A 455 -9.55 6.93 5.47
CA PHE A 455 -9.72 6.63 4.04
C PHE A 455 -10.47 5.32 3.86
N ILE A 456 -10.78 5.02 2.59
CA ILE A 456 -11.08 3.68 2.13
C ILE A 456 -10.18 3.42 0.94
N ASN A 457 -9.87 2.15 0.70
CA ASN A 457 -9.00 1.80 -0.41
C ASN A 457 -9.38 0.42 -0.93
N THR A 458 -9.26 0.23 -2.25
CA THR A 458 -9.60 -1.06 -2.85
C THR A 458 -8.35 -1.91 -2.96
N GLY A 459 -8.15 -2.81 -1.99
CA GLY A 459 -7.01 -3.70 -2.06
C GLY A 459 -7.31 -4.87 -2.99
N PHE A 460 -7.14 -4.64 -4.30
CA PHE A 460 -7.77 -5.51 -5.30
C PHE A 460 -7.13 -6.87 -5.39
N LEU A 461 -5.84 -6.99 -5.04
CA LEU A 461 -5.22 -8.29 -5.07
C LEU A 461 -5.71 -9.15 -3.90
N ASP A 462 -5.70 -8.62 -2.67
CA ASP A 462 -6.37 -9.35 -1.59
C ASP A 462 -7.82 -9.61 -1.95
N ARG A 463 -8.47 -8.64 -2.61
CA ARG A 463 -9.88 -8.78 -2.93
C ARG A 463 -10.09 -9.88 -3.94
N THR A 464 -9.09 -10.12 -4.79
CA THR A 464 -9.19 -11.23 -5.73
C THR A 464 -8.96 -12.56 -5.02
N GLY A 465 -8.06 -12.59 -4.04
CA GLY A 465 -7.91 -13.81 -3.26
C GLY A 465 -9.18 -14.20 -2.53
N ASP A 466 -9.85 -13.22 -1.92
CA ASP A 466 -11.07 -13.57 -1.20
C ASP A 466 -12.17 -13.96 -2.17
N GLU A 467 -12.21 -13.31 -3.34
CA GLU A 467 -13.19 -13.64 -4.38
C GLU A 467 -13.05 -15.10 -4.80
N ILE A 468 -11.81 -15.55 -5.01
CA ILE A 468 -11.57 -16.93 -5.43
C ILE A 468 -11.93 -17.91 -4.31
N HIS A 469 -11.48 -17.62 -3.08
CA HIS A 469 -11.70 -18.59 -2.01
C HIS A 469 -13.17 -18.68 -1.64
N THR A 470 -13.88 -17.55 -1.64
CA THR A 470 -15.29 -17.57 -1.24
C THR A 470 -16.10 -18.48 -2.13
N SER A 471 -15.87 -18.39 -3.44
CA SER A 471 -16.54 -19.23 -4.42
C SER A 471 -15.68 -20.42 -4.84
N MET A 472 -14.73 -20.83 -4.01
CA MET A 472 -13.86 -21.94 -4.34
C MET A 472 -14.63 -23.19 -4.78
N GLU A 473 -15.86 -23.37 -4.27
CA GLU A 473 -16.67 -24.56 -4.51
C GLU A 473 -17.49 -24.48 -5.79
N ALA A 474 -17.77 -23.27 -6.29
CA ALA A 474 -18.72 -23.09 -7.38
C ALA A 474 -18.20 -23.65 -8.70
N GLY A 475 -16.88 -23.71 -8.89
CA GLY A 475 -16.31 -24.19 -10.12
C GLY A 475 -15.00 -23.50 -10.46
N PRO A 476 -14.42 -23.85 -11.60
CA PRO A 476 -13.07 -23.36 -11.90
C PRO A 476 -13.09 -21.92 -12.38
N MET A 477 -12.18 -21.11 -11.82
CA MET A 477 -12.12 -19.67 -12.00
C MET A 477 -11.37 -19.32 -13.29
N VAL A 478 -11.53 -18.07 -13.72
CA VAL A 478 -10.80 -17.59 -14.90
C VAL A 478 -9.35 -17.32 -14.52
N ARG A 479 -8.47 -17.39 -15.52
CA ARG A 479 -7.05 -17.20 -15.29
C ARG A 479 -6.79 -15.86 -14.61
N LYS A 480 -5.60 -15.78 -13.99
CA LYS A 480 -5.21 -14.61 -13.21
C LYS A 480 -5.27 -13.33 -14.05
N GLY A 481 -4.73 -13.38 -15.27
CA GLY A 481 -4.74 -12.22 -16.15
C GLY A 481 -6.14 -11.74 -16.49
N THR A 482 -7.11 -12.64 -16.49
CA THR A 482 -8.48 -12.30 -16.83
C THR A 482 -9.23 -11.60 -15.70
N MET A 483 -8.74 -11.65 -14.45
CA MET A 483 -9.47 -11.06 -13.33
C MET A 483 -9.54 -9.54 -13.42
N LYS A 484 -8.52 -8.93 -14.01
CA LYS A 484 -8.45 -7.47 -14.14
C LYS A 484 -9.66 -6.90 -14.88
N SER A 485 -10.35 -7.70 -15.68
CA SER A 485 -11.45 -7.23 -16.51
C SER A 485 -12.77 -7.91 -16.18
N GLN A 486 -12.80 -8.79 -15.18
CA GLN A 486 -14.02 -9.47 -14.78
C GLN A 486 -15.07 -8.46 -14.32
N PRO A 487 -16.36 -8.76 -14.49
CA PRO A 487 -17.39 -7.82 -14.02
C PRO A 487 -17.32 -7.49 -12.55
N TRP A 488 -17.09 -8.46 -11.67
CA TRP A 488 -17.15 -8.19 -10.22
C TRP A 488 -16.13 -7.15 -9.79
N ILE A 489 -14.95 -7.11 -10.41
CA ILE A 489 -13.93 -6.16 -9.99
C ILE A 489 -14.23 -4.79 -10.55
N LEU A 490 -14.82 -4.73 -11.75
CA LEU A 490 -15.23 -3.45 -12.30
C LEU A 490 -16.33 -2.82 -11.45
N ALA A 491 -17.25 -3.62 -10.94
CA ALA A 491 -18.29 -3.06 -10.09
C ALA A 491 -17.75 -2.76 -8.70
N TYR A 492 -16.77 -3.55 -8.24
CA TYR A 492 -16.18 -3.33 -6.93
C TYR A 492 -15.47 -1.98 -6.84
N GLU A 493 -14.72 -1.59 -7.89
CA GLU A 493 -13.97 -0.34 -7.85
C GLU A 493 -14.89 0.87 -7.91
N ASP A 494 -15.95 0.79 -8.73
CA ASP A 494 -16.95 1.86 -8.78
C ASP A 494 -17.73 1.94 -7.48
N HIS A 495 -18.24 0.79 -7.01
CA HIS A 495 -19.00 0.75 -5.77
C HIS A 495 -18.22 1.35 -4.60
N ASN A 496 -16.89 1.25 -4.63
CA ASN A 496 -16.06 1.80 -3.55
C ASN A 496 -16.08 3.32 -3.58
N VAL A 497 -15.92 3.92 -4.76
CA VAL A 497 -15.96 5.38 -4.86
C VAL A 497 -17.34 5.93 -4.51
N ASP A 498 -18.40 5.26 -5.01
CA ASP A 498 -19.77 5.71 -4.72
C ASP A 498 -20.03 5.80 -3.21
N ALA A 499 -19.74 4.73 -2.48
CA ALA A 499 -19.91 4.72 -1.03
C ALA A 499 -19.00 5.76 -0.36
N GLY A 500 -17.81 5.96 -0.89
CA GLY A 500 -16.97 6.98 -0.32
C GLY A 500 -17.57 8.35 -0.50
N LEU A 501 -17.87 8.71 -1.75
CA LEU A 501 -18.40 10.05 -1.99
C LEU A 501 -19.73 10.23 -1.31
N ALA A 502 -20.53 9.16 -1.20
CA ALA A 502 -21.85 9.28 -0.58
C ALA A 502 -21.74 9.52 0.90
N ALA A 503 -20.68 9.03 1.52
CA ALA A 503 -20.44 9.25 2.94
C ALA A 503 -19.72 10.58 3.19
N GLY A 504 -19.57 11.41 2.16
CA GLY A 504 -18.95 12.72 2.30
C GLY A 504 -17.44 12.68 2.34
N PHE A 505 -16.81 11.83 1.53
CA PHE A 505 -15.37 11.70 1.63
C PHE A 505 -14.65 12.89 1.01
N SER A 506 -15.28 13.59 0.06
CA SER A 506 -14.66 14.75 -0.58
C SER A 506 -14.40 15.84 0.45
N GLY A 507 -13.14 16.26 0.53
CA GLY A 507 -12.72 17.21 1.54
C GLY A 507 -12.62 16.66 2.94
N ARG A 508 -12.66 15.34 3.12
CA ARG A 508 -12.66 14.77 4.46
C ARG A 508 -11.75 13.55 4.56
N ALA A 509 -11.88 12.59 3.65
CA ALA A 509 -11.05 11.39 3.70
C ALA A 509 -10.64 10.99 2.30
N GLN A 510 -9.62 10.13 2.22
CA GLN A 510 -9.11 9.68 0.94
C GLN A 510 -9.98 8.57 0.35
N VAL A 511 -10.20 8.66 -0.96
CA VAL A 511 -10.76 7.57 -1.75
C VAL A 511 -9.61 7.02 -2.55
N GLY A 512 -9.13 5.83 -2.16
CA GLY A 512 -7.85 5.33 -2.65
C GLY A 512 -8.02 4.05 -3.44
N LYS A 513 -7.09 3.82 -4.39
CA LYS A 513 -7.07 2.61 -5.21
C LYS A 513 -5.67 1.99 -5.16
N GLY A 514 -5.51 0.87 -5.86
CA GLY A 514 -4.52 -0.12 -5.49
C GLY A 514 -3.14 0.03 -6.11
N MET A 515 -2.37 -1.02 -5.93
CA MET A 515 -0.93 -1.03 -6.18
C MET A 515 -0.58 -1.30 -7.66
N TRP A 516 0.38 -0.54 -8.17
CA TRP A 516 1.04 -0.87 -9.43
C TRP A 516 2.22 -1.78 -9.12
N THR A 517 2.17 -3.02 -9.61
CA THR A 517 3.18 -4.02 -9.26
C THR A 517 4.32 -4.13 -10.26
N MET A 518 4.17 -3.57 -11.48
CA MET A 518 5.20 -3.70 -12.52
C MET A 518 6.25 -2.62 -12.32
N THR A 519 7.19 -2.88 -11.42
CA THR A 519 8.12 -1.86 -10.98
C THR A 519 9.04 -1.37 -12.09
N GLU A 520 9.22 -2.12 -13.17
CA GLU A 520 10.10 -1.65 -14.24
C GLU A 520 9.34 -1.04 -15.42
N LEU A 521 8.02 -1.17 -15.48
CA LEU A 521 7.23 -0.67 -16.60
C LEU A 521 6.59 0.67 -16.20
N MET A 522 7.44 1.71 -16.23
CA MET A 522 6.97 3.05 -15.88
C MET A 522 6.32 3.75 -17.07
N ALA A 523 6.74 3.44 -18.29
CA ALA A 523 5.95 3.86 -19.45
C ALA A 523 4.50 3.41 -19.30
N ASP A 524 4.27 2.09 -19.09
CA ASP A 524 2.91 1.60 -18.92
C ASP A 524 2.25 2.25 -17.72
N MET A 525 3.00 2.48 -16.65
CA MET A 525 2.36 3.09 -15.49
C MET A 525 1.90 4.49 -15.83
N VAL A 526 2.78 5.29 -16.44
CA VAL A 526 2.43 6.67 -16.74
C VAL A 526 1.27 6.71 -17.70
N GLU A 527 1.15 5.70 -18.57
CA GLU A 527 0.07 5.63 -19.54
C GLU A 527 -1.21 5.07 -18.94
N THR A 528 -1.12 4.12 -18.01
CA THR A 528 -2.28 3.38 -17.51
C THR A 528 -2.86 3.95 -16.21
N LYS A 529 -2.02 4.19 -15.20
CA LYS A 529 -2.50 4.48 -13.86
C LYS A 529 -3.31 5.78 -13.79
N ILE A 530 -3.31 6.60 -14.84
CA ILE A 530 -4.15 7.81 -14.88
C ILE A 530 -5.63 7.44 -14.71
N ALA A 531 -6.01 6.22 -15.10
CA ALA A 531 -7.39 5.76 -14.92
C ALA A 531 -7.88 5.87 -13.48
N GLN A 532 -6.96 5.88 -12.51
CA GLN A 532 -7.40 5.92 -11.11
C GLN A 532 -7.85 7.34 -10.73
N PRO A 533 -7.05 8.39 -10.90
CA PRO A 533 -7.61 9.72 -10.65
C PRO A 533 -8.83 10.00 -11.52
N ARG A 534 -8.79 9.61 -12.79
CA ARG A 534 -9.98 9.73 -13.62
C ARG A 534 -11.17 9.02 -13.01
N ALA A 535 -10.93 8.00 -12.19
CA ALA A 535 -12.00 7.25 -11.57
C ALA A 535 -12.56 7.95 -10.35
N GLY A 536 -12.05 9.13 -10.01
CA GLY A 536 -12.46 9.80 -8.79
C GLY A 536 -11.60 9.51 -7.57
N ALA A 537 -10.52 8.75 -7.71
CA ALA A 537 -9.66 8.38 -6.60
C ALA A 537 -8.73 9.53 -6.25
N SER A 538 -8.77 10.01 -5.01
CA SER A 538 -7.86 11.07 -4.60
C SER A 538 -6.51 10.54 -4.13
N THR A 539 -6.34 9.23 -3.99
CA THR A 539 -5.01 8.68 -3.86
C THR A 539 -5.00 7.26 -4.41
N ALA A 540 -3.79 6.79 -4.69
CA ALA A 540 -3.55 5.44 -5.17
C ALA A 540 -2.10 5.09 -4.85
N TRP A 541 -1.77 3.79 -4.94
CA TRP A 541 -0.58 3.23 -4.29
C TRP A 541 0.56 3.07 -5.29
N VAL A 542 1.78 3.42 -4.86
CA VAL A 542 2.98 3.32 -5.71
C VAL A 542 4.05 2.52 -4.95
N PRO A 543 4.92 1.76 -5.66
CA PRO A 543 5.83 0.84 -4.98
C PRO A 543 7.20 1.41 -4.70
N SER A 544 7.50 2.62 -5.15
CA SER A 544 8.82 3.20 -4.94
C SER A 544 8.70 4.71 -4.87
N PRO A 545 9.73 5.39 -4.37
CA PRO A 545 9.71 6.86 -4.47
C PRO A 545 9.67 7.34 -5.89
N THR A 546 10.33 6.63 -6.80
CA THR A 546 10.34 7.00 -8.21
C THR A 546 8.96 6.86 -8.83
N ALA A 547 8.30 5.73 -8.59
CA ALA A 547 6.93 5.59 -9.08
C ALA A 547 6.03 6.67 -8.50
N ALA A 548 6.34 7.19 -7.31
CA ALA A 548 5.53 8.25 -6.73
C ALA A 548 5.68 9.54 -7.52
N THR A 549 6.93 9.90 -7.84
CA THR A 549 7.19 11.07 -8.66
C THR A 549 6.49 10.97 -10.01
N LEU A 550 6.50 9.79 -10.63
CA LEU A 550 5.83 9.63 -11.92
C LEU A 550 4.32 9.66 -11.77
N HIS A 551 3.79 8.97 -10.75
CA HIS A 551 2.35 8.97 -10.55
C HIS A 551 1.82 10.35 -10.27
N ALA A 552 2.68 11.25 -9.77
CA ALA A 552 2.25 12.62 -9.50
C ALA A 552 1.85 13.32 -10.79
N LEU A 553 2.48 12.98 -11.91
CA LEU A 553 2.09 13.60 -13.18
C LEU A 553 0.60 13.47 -13.43
N HIS A 554 0.02 12.33 -13.02
CA HIS A 554 -1.37 12.05 -13.33
C HIS A 554 -2.31 13.02 -12.64
N TYR A 555 -1.97 13.45 -11.44
CA TYR A 555 -2.79 14.35 -10.66
C TYR A 555 -2.67 15.79 -11.12
N HIS A 556 -1.69 16.09 -11.95
CA HIS A 556 -1.63 17.43 -12.53
C HIS A 556 -2.52 17.54 -13.74
N GLN A 557 -2.73 16.43 -14.47
CA GLN A 557 -3.61 16.41 -15.63
C GLN A 557 -5.07 16.25 -15.26
N VAL A 558 -5.36 15.50 -14.19
CA VAL A 558 -6.72 15.17 -13.78
C VAL A 558 -7.06 16.01 -12.56
N ASP A 559 -8.22 16.65 -12.60
CA ASP A 559 -8.71 17.48 -11.51
C ASP A 559 -9.66 16.59 -10.72
N VAL A 560 -9.09 15.93 -9.71
CA VAL A 560 -9.79 14.88 -8.97
C VAL A 560 -10.97 15.48 -8.20
N ALA A 561 -10.80 16.68 -7.63
CA ALA A 561 -11.92 17.36 -6.98
C ALA A 561 -13.08 17.54 -7.96
N ALA A 562 -12.80 18.07 -9.15
CA ALA A 562 -13.82 18.19 -10.18
C ALA A 562 -14.42 16.85 -10.53
N VAL A 563 -13.59 15.79 -10.57
CA VAL A 563 -14.09 14.48 -10.95
C VAL A 563 -15.05 13.96 -9.88
N GLN A 564 -14.66 14.10 -8.62
CA GLN A 564 -15.54 13.66 -7.53
C GLN A 564 -16.87 14.40 -7.56
N GLN A 565 -16.84 15.71 -7.83
CA GLN A 565 -18.08 16.47 -7.86
C GLN A 565 -19.03 15.93 -8.92
N GLY A 566 -18.52 15.57 -10.09
CA GLY A 566 -19.37 15.02 -11.13
C GLY A 566 -19.87 13.61 -10.86
N LEU A 567 -19.28 12.90 -9.89
CA LEU A 567 -19.76 11.57 -9.53
C LEU A 567 -20.80 11.59 -8.41
N ALA A 568 -20.95 12.71 -7.71
CA ALA A 568 -21.87 12.81 -6.58
C ALA A 568 -23.24 12.26 -6.93
N GLY A 569 -23.77 11.40 -6.05
CA GLY A 569 -25.11 10.87 -6.20
C GLY A 569 -25.23 9.69 -7.14
N LYS A 570 -24.20 9.38 -7.91
CA LYS A 570 -24.26 8.26 -8.85
C LYS A 570 -24.19 6.94 -8.11
N ARG A 571 -25.03 5.99 -8.54
CA ARG A 571 -25.03 4.62 -8.04
C ARG A 571 -24.76 3.74 -9.25
N ARG A 572 -23.53 3.24 -9.36
CA ARG A 572 -23.04 2.66 -10.60
C ARG A 572 -22.78 1.16 -10.53
N ALA A 573 -22.99 0.52 -9.38
CA ALA A 573 -22.80 -0.93 -9.27
C ALA A 573 -24.00 -1.54 -8.58
N THR A 574 -24.52 -2.60 -9.17
CA THR A 574 -25.60 -3.37 -8.57
C THR A 574 -25.01 -4.37 -7.60
N ILE A 575 -25.75 -4.65 -6.53
CA ILE A 575 -25.43 -5.81 -5.70
C ILE A 575 -25.32 -7.08 -6.55
N GLU A 576 -26.11 -7.18 -7.63
CA GLU A 576 -26.03 -8.36 -8.49
C GLU A 576 -24.72 -8.40 -9.27
N GLN A 577 -24.15 -7.25 -9.61
CA GLN A 577 -22.88 -7.24 -10.34
C GLN A 577 -21.70 -7.43 -9.42
N LEU A 578 -21.81 -6.97 -8.17
CA LEU A 578 -20.78 -7.25 -7.19
C LEU A 578 -20.64 -8.74 -6.98
N LEU A 579 -21.76 -9.47 -6.99
CA LEU A 579 -21.77 -10.90 -6.70
C LEU A 579 -21.58 -11.75 -7.93
N THR A 580 -21.07 -11.16 -9.02
CA THR A 580 -20.86 -11.93 -10.23
C THR A 580 -19.52 -12.65 -10.13
N ILE A 581 -19.60 -13.96 -9.96
CA ILE A 581 -18.46 -14.84 -9.66
C ILE A 581 -17.62 -15.06 -10.92
N PRO A 582 -16.31 -14.80 -10.89
CA PRO A 582 -15.49 -14.99 -12.10
C PRO A 582 -15.27 -16.44 -12.56
N LEU A 583 -16.35 -17.21 -12.72
CA LEU A 583 -16.21 -18.59 -13.23
C LEU A 583 -15.77 -18.60 -14.69
N ALA A 584 -15.09 -19.67 -15.09
CA ALA A 584 -14.66 -19.82 -16.46
C ALA A 584 -15.71 -20.59 -17.25
N LYS A 585 -15.56 -20.59 -18.57
CA LYS A 585 -16.55 -21.24 -19.42
C LYS A 585 -16.13 -22.66 -19.72
N GLU A 586 -17.12 -23.49 -20.02
CA GLU A 586 -16.87 -24.90 -20.33
C GLU A 586 -15.81 -24.99 -21.41
N LEU A 587 -14.73 -25.71 -21.12
CA LEU A 587 -13.70 -26.04 -22.11
C LEU A 587 -13.03 -24.78 -22.62
N ALA A 588 -12.92 -23.77 -21.75
CA ALA A 588 -12.45 -22.46 -22.17
C ALA A 588 -10.97 -22.41 -22.52
N TRP A 589 -10.18 -23.41 -22.13
CA TRP A 589 -8.73 -23.36 -22.33
C TRP A 589 -8.22 -24.62 -23.02
N ALA A 590 -7.07 -24.46 -23.66
CA ALA A 590 -6.28 -25.47 -24.33
C ALA A 590 -5.14 -25.94 -23.45
N PRO A 591 -4.56 -27.12 -23.74
CA PRO A 591 -3.45 -27.63 -22.91
C PRO A 591 -2.32 -26.65 -22.62
N ASP A 592 -1.79 -25.97 -23.64
CA ASP A 592 -0.67 -25.05 -23.41
C ASP A 592 -1.09 -23.82 -22.62
N GLU A 593 -2.36 -23.41 -22.75
CA GLU A 593 -2.86 -22.32 -21.91
C GLU A 593 -2.81 -22.72 -20.43
N ILE A 594 -3.37 -23.89 -20.10
CA ILE A 594 -3.33 -24.35 -18.70
C ILE A 594 -1.89 -24.53 -18.24
N ARG A 595 -1.09 -25.20 -19.05
CA ARG A 595 0.31 -25.41 -18.71
C ARG A 595 1.03 -24.10 -18.45
N GLU A 596 0.68 -23.05 -19.19
CA GLU A 596 1.37 -21.78 -18.99
C GLU A 596 0.91 -21.14 -17.70
N GLU A 597 -0.41 -21.14 -17.45
CA GLU A 597 -0.93 -20.52 -16.23
C GLU A 597 -0.38 -21.20 -15.00
N VAL A 598 -0.38 -22.53 -14.99
CA VAL A 598 0.21 -23.28 -13.88
C VAL A 598 1.68 -22.88 -13.69
N ASP A 599 2.49 -23.01 -14.73
CA ASP A 599 3.91 -22.70 -14.61
C ASP A 599 4.11 -21.31 -14.05
N ASN A 600 3.36 -20.34 -14.58
CA ASN A 600 3.53 -18.98 -14.14
C ASN A 600 3.18 -18.81 -12.66
N ASN A 601 2.10 -19.43 -12.21
CA ASN A 601 1.72 -19.32 -10.81
C ASN A 601 2.77 -19.96 -9.90
N CYS A 602 3.23 -21.16 -10.26
CA CYS A 602 4.27 -21.81 -9.47
C CYS A 602 5.54 -20.98 -9.41
N GLN A 603 5.88 -20.29 -10.50
CA GLN A 603 7.11 -19.50 -10.45
C GLN A 603 6.94 -18.27 -9.57
N SER A 604 5.80 -17.60 -9.67
CA SER A 604 5.58 -16.47 -8.78
C SER A 604 5.45 -16.93 -7.33
N ILE A 605 4.79 -18.08 -7.12
CA ILE A 605 4.70 -18.66 -5.78
C ILE A 605 6.07 -18.99 -5.24
N LEU A 606 6.85 -19.79 -5.99
CA LEU A 606 8.15 -20.24 -5.50
C LEU A 606 9.09 -19.07 -5.26
N GLY A 607 9.22 -18.18 -6.24
CA GLY A 607 10.19 -17.11 -6.14
C GLY A 607 9.92 -16.11 -5.03
N TYR A 608 8.68 -16.03 -4.57
CA TYR A 608 8.38 -15.20 -3.41
C TYR A 608 8.61 -15.96 -2.11
N VAL A 609 8.16 -17.22 -2.02
CA VAL A 609 8.24 -17.92 -0.75
C VAL A 609 9.70 -18.20 -0.37
N VAL A 610 10.55 -18.47 -1.36
CA VAL A 610 11.92 -18.90 -1.05
C VAL A 610 12.65 -17.79 -0.30
N ARG A 611 12.32 -16.55 -0.59
CA ARG A 611 12.97 -15.45 0.11
C ARG A 611 12.21 -15.09 1.37
N TRP A 612 10.91 -15.40 1.39
CA TRP A 612 10.14 -15.30 2.62
C TRP A 612 10.71 -16.25 3.66
N VAL A 613 10.76 -17.54 3.32
CA VAL A 613 11.11 -18.55 4.30
C VAL A 613 12.59 -18.53 4.59
N ASP A 614 13.42 -18.46 3.54
CA ASP A 614 14.85 -18.59 3.75
C ASP A 614 15.49 -17.32 4.31
N GLN A 615 14.88 -16.15 4.10
CA GLN A 615 15.54 -14.90 4.45
C GLN A 615 14.64 -13.87 5.16
N GLY A 616 13.36 -14.16 5.35
CA GLY A 616 12.47 -13.22 6.02
C GLY A 616 12.11 -11.97 5.25
N VAL A 617 12.21 -11.99 3.90
CA VAL A 617 11.85 -10.86 3.06
C VAL A 617 10.38 -10.99 2.64
N GLY A 618 9.54 -10.06 3.07
CA GLY A 618 8.12 -10.12 2.79
C GLY A 618 7.67 -9.45 1.51
N ALA A 619 8.59 -8.91 0.71
CA ALA A 619 8.27 -8.30 -0.58
C ALA A 619 9.51 -8.39 -1.47
N SER A 620 9.33 -8.89 -2.68
CA SER A 620 10.43 -9.23 -3.57
C SER A 620 9.99 -9.00 -5.00
N LYS A 621 10.91 -8.51 -5.83
CA LYS A 621 10.65 -8.44 -7.27
C LYS A 621 10.87 -9.83 -7.85
N VAL A 622 9.81 -10.43 -8.38
CA VAL A 622 9.82 -11.77 -8.96
C VAL A 622 9.32 -11.74 -10.42
N PRO A 623 10.19 -11.99 -11.40
CA PRO A 623 9.72 -12.03 -12.78
C PRO A 623 8.77 -13.18 -13.02
N ASP A 624 7.70 -12.89 -13.78
CA ASP A 624 6.69 -13.90 -14.09
C ASP A 624 7.16 -14.73 -15.30
N ILE A 625 6.24 -15.51 -15.90
CA ILE A 625 6.61 -16.42 -16.99
C ILE A 625 7.04 -15.64 -18.24
N HIS A 626 6.57 -14.40 -18.38
CA HIS A 626 6.96 -13.52 -19.46
C HIS A 626 8.14 -12.66 -19.10
N ASP A 627 8.79 -12.96 -17.98
CA ASP A 627 9.90 -12.18 -17.46
C ASP A 627 9.54 -10.71 -17.24
N VAL A 628 8.30 -10.47 -16.81
CA VAL A 628 7.89 -9.14 -16.36
C VAL A 628 8.12 -9.07 -14.87
N ALA A 629 8.91 -8.11 -14.42
CA ALA A 629 9.24 -8.00 -13.00
C ALA A 629 8.02 -7.53 -12.21
N LEU A 630 7.55 -8.36 -11.28
CA LEU A 630 6.39 -8.03 -10.45
C LEU A 630 6.78 -8.00 -8.99
N MET A 631 6.56 -6.86 -8.32
CA MET A 631 6.70 -6.82 -6.87
CA MET A 631 6.73 -6.84 -6.87
C MET A 631 5.60 -7.64 -6.23
N GLU A 632 5.98 -8.71 -5.55
CA GLU A 632 5.06 -9.62 -4.91
C GLU A 632 4.98 -9.33 -3.41
N ASP A 633 3.80 -9.58 -2.84
CA ASP A 633 3.70 -9.76 -1.39
C ASP A 633 2.61 -10.81 -1.14
N ARG A 634 2.10 -10.86 0.07
CA ARG A 634 1.24 -11.97 0.47
C ARG A 634 -0.05 -12.00 -0.35
N ALA A 635 -0.52 -10.83 -0.80
CA ALA A 635 -1.78 -10.78 -1.53
C ALA A 635 -1.67 -11.43 -2.89
N THR A 636 -0.58 -11.15 -3.64
CA THR A 636 -0.43 -11.77 -4.94
C THR A 636 -0.14 -13.26 -4.81
N LEU A 637 0.53 -13.64 -3.73
CA LEU A 637 0.67 -15.06 -3.39
C LEU A 637 -0.67 -15.65 -2.99
N ARG A 638 -1.47 -14.87 -2.26
CA ARG A 638 -2.84 -15.31 -2.00
C ARG A 638 -3.57 -15.64 -3.27
N ILE A 639 -3.29 -14.91 -4.36
CA ILE A 639 -3.97 -15.13 -5.64
C ILE A 639 -3.37 -16.30 -6.40
N SER A 640 -2.04 -16.34 -6.55
CA SER A 640 -1.44 -17.42 -7.32
C SER A 640 -1.81 -18.77 -6.71
N SER A 641 -1.69 -18.87 -5.38
CA SER A 641 -1.93 -20.13 -4.69
C SER A 641 -3.41 -20.49 -4.63
N GLN A 642 -4.30 -19.52 -4.51
CA GLN A 642 -5.70 -19.91 -4.42
C GLN A 642 -6.27 -20.25 -5.79
N LEU A 643 -5.75 -19.64 -6.85
CA LEU A 643 -6.14 -20.01 -8.19
C LEU A 643 -5.76 -21.46 -8.49
N LEU A 644 -4.49 -21.83 -8.23
CA LEU A 644 -4.07 -23.20 -8.45
C LEU A 644 -4.86 -24.17 -7.58
N ALA A 645 -5.14 -23.79 -6.34
CA ALA A 645 -5.94 -24.63 -5.46
C ALA A 645 -7.35 -24.85 -6.00
N ASN A 646 -7.85 -23.90 -6.79
CA ASN A 646 -9.22 -23.97 -7.35
C ASN A 646 -9.26 -24.83 -8.62
N TRP A 647 -8.30 -24.65 -9.52
CA TRP A 647 -8.17 -25.56 -10.65
C TRP A 647 -7.96 -27.00 -10.18
N LEU A 648 -7.31 -27.19 -9.01
CA LEU A 648 -7.14 -28.52 -8.45
C LEU A 648 -8.45 -29.08 -7.89
N ARG A 649 -9.25 -28.24 -7.21
CA ARG A 649 -10.51 -28.72 -6.65
C ARG A 649 -11.49 -29.15 -7.71
N HIS A 650 -11.35 -28.67 -8.94
CA HIS A 650 -12.33 -28.90 -9.98
C HIS A 650 -11.76 -29.64 -11.17
N GLY A 651 -10.54 -30.13 -11.09
CA GLY A 651 -10.04 -31.09 -12.04
C GLY A 651 -9.23 -30.53 -13.18
N VAL A 652 -9.03 -29.22 -13.26
CA VAL A 652 -8.33 -28.66 -14.42
C VAL A 652 -6.91 -29.21 -14.51
N ILE A 653 -6.28 -29.49 -13.37
CA ILE A 653 -4.93 -30.02 -13.31
C ILE A 653 -4.90 -31.08 -12.21
N THR A 654 -3.83 -31.87 -12.20
CA THR A 654 -3.67 -32.93 -11.20
C THR A 654 -2.56 -32.57 -10.22
N SER A 655 -2.40 -33.41 -9.18
CA SER A 655 -1.32 -33.16 -8.23
C SER A 655 0.05 -33.43 -8.83
N ALA A 656 0.13 -34.28 -9.85
CA ALA A 656 1.41 -34.48 -10.55
C ALA A 656 1.73 -33.32 -11.47
N ASP A 657 0.71 -32.75 -12.12
CA ASP A 657 0.86 -31.46 -12.77
C ASP A 657 1.53 -30.44 -11.85
N VAL A 658 0.93 -30.21 -10.67
CA VAL A 658 1.46 -29.18 -9.76
C VAL A 658 2.85 -29.56 -9.27
N ARG A 659 3.04 -30.82 -8.89
CA ARG A 659 4.36 -31.27 -8.48
C ARG A 659 5.39 -31.02 -9.59
N ALA A 660 5.02 -31.38 -10.82
CA ALA A 660 5.94 -31.20 -11.93
C ALA A 660 6.30 -29.74 -12.11
N SER A 661 5.29 -28.89 -12.31
CA SER A 661 5.52 -27.46 -12.49
C SER A 661 6.40 -26.89 -11.36
N LEU A 662 6.10 -27.28 -10.11
CA LEU A 662 6.91 -26.83 -8.99
C LEU A 662 8.37 -27.21 -9.17
N GLU A 663 8.63 -28.45 -9.60
CA GLU A 663 10.00 -28.87 -9.84
C GLU A 663 10.56 -28.32 -11.14
N ARG A 664 9.69 -27.93 -12.07
CA ARG A 664 10.13 -27.28 -13.30
C ARG A 664 10.68 -25.88 -13.01
N MET A 665 9.87 -25.03 -12.34
CA MET A 665 10.26 -23.63 -12.19
C MET A 665 11.30 -23.43 -11.10
N ALA A 666 11.32 -24.30 -10.08
CA ALA A 666 12.21 -24.13 -8.92
C ALA A 666 13.68 -23.92 -9.30
N PRO A 667 14.27 -24.72 -10.19
CA PRO A 667 15.66 -24.42 -10.59
C PRO A 667 15.78 -23.08 -11.32
N LEU A 668 14.75 -22.67 -12.05
CA LEU A 668 14.80 -21.34 -12.66
C LEU A 668 14.78 -20.25 -11.59
N VAL A 669 14.04 -20.46 -10.51
CA VAL A 669 14.06 -19.51 -9.41
C VAL A 669 15.45 -19.43 -8.80
N ASP A 670 16.04 -20.59 -8.44
CA ASP A 670 17.38 -20.61 -7.86
C ASP A 670 18.37 -19.85 -8.74
N ARG A 671 18.25 -20.01 -10.05
CA ARG A 671 19.11 -19.27 -10.98
C ARG A 671 18.87 -17.78 -10.90
N GLN A 672 17.61 -17.36 -10.87
CA GLN A 672 17.31 -15.92 -10.83
C GLN A 672 17.81 -15.26 -9.56
N ASN A 673 18.06 -16.08 -8.59
CA ASN A 673 18.63 -15.55 -7.39
C ASN A 673 20.11 -15.61 -7.59
N ALA A 674 20.50 -15.37 -8.83
CA ALA A 674 21.88 -15.26 -9.26
C ALA A 674 22.39 -13.99 -8.66
N GLY A 675 21.48 -13.03 -8.49
CA GLY A 675 21.73 -11.78 -7.84
C GLY A 675 21.21 -12.07 -6.45
N ASP A 676 22.15 -12.36 -5.56
CA ASP A 676 21.99 -12.63 -4.13
C ASP A 676 22.85 -13.73 -3.54
N VAL A 677 23.91 -13.30 -2.89
CA VAL A 677 24.82 -14.16 -2.14
C VAL A 677 24.06 -14.98 -1.10
N ALA A 678 24.79 -15.58 -0.15
CA ALA A 678 24.32 -16.46 0.92
C ALA A 678 22.83 -16.82 0.80
N TYR A 679 22.52 -17.63 -0.20
CA TYR A 679 21.16 -18.03 -0.56
C TYR A 679 21.16 -19.55 -0.74
N ARG A 680 20.14 -20.23 -0.15
CA ARG A 680 20.01 -21.68 -0.23
C ARG A 680 19.14 -22.09 -1.42
N PRO A 681 19.63 -22.96 -2.31
CA PRO A 681 18.82 -23.44 -3.42
C PRO A 681 17.79 -24.50 -3.03
N MET A 682 16.75 -24.62 -3.86
CA MET A 682 15.63 -25.52 -3.60
C MET A 682 15.78 -26.88 -4.29
N ALA A 683 16.27 -26.87 -5.52
CA ALA A 683 16.58 -27.93 -6.46
C ALA A 683 18.03 -28.40 -6.29
N PRO A 684 18.29 -29.69 -6.31
CA PRO A 684 17.38 -30.79 -6.61
C PRO A 684 16.67 -31.37 -5.41
N ASN A 685 17.14 -31.02 -4.20
CA ASN A 685 16.68 -31.67 -2.98
C ASN A 685 15.39 -30.99 -2.52
N PHE A 686 14.34 -31.23 -3.28
CA PHE A 686 13.07 -30.55 -3.02
C PHE A 686 12.57 -30.87 -1.62
N ASP A 687 12.58 -32.15 -1.25
CA ASP A 687 12.02 -32.49 0.06
C ASP A 687 12.94 -32.10 1.22
N ASP A 688 14.12 -31.53 0.93
CA ASP A 688 15.03 -31.02 1.95
C ASP A 688 14.96 -29.50 2.10
N SER A 689 14.10 -28.83 1.35
CA SER A 689 13.97 -27.38 1.39
C SER A 689 12.66 -27.01 2.09
N ILE A 690 12.77 -26.21 3.16
CA ILE A 690 11.56 -25.76 3.84
C ILE A 690 10.78 -24.79 2.96
N ALA A 691 11.50 -24.05 2.09
CA ALA A 691 10.85 -23.12 1.19
C ALA A 691 10.05 -23.87 0.11
N PHE A 692 10.66 -24.89 -0.52
CA PHE A 692 9.90 -25.67 -1.48
C PHE A 692 8.66 -26.29 -0.85
N LEU A 693 8.83 -27.00 0.27
CA LEU A 693 7.69 -27.65 0.92
C LEU A 693 6.59 -26.65 1.31
N ALA A 694 6.98 -25.43 1.67
CA ALA A 694 5.99 -24.39 1.97
C ALA A 694 5.24 -23.96 0.71
N ALA A 695 5.99 -23.72 -0.38
CA ALA A 695 5.37 -23.45 -1.69
C ALA A 695 4.36 -24.53 -2.04
N GLN A 696 4.78 -25.79 -1.92
CA GLN A 696 3.88 -26.91 -2.19
C GLN A 696 2.66 -26.84 -1.28
N GLU A 697 2.87 -26.62 0.02
CA GLU A 697 1.77 -26.67 0.98
C GLU A 697 0.76 -25.57 0.70
N LEU A 698 1.23 -24.36 0.41
CA LEU A 698 0.34 -23.26 0.05
C LEU A 698 -0.62 -23.67 -1.07
N ILE A 699 -0.14 -24.42 -2.06
CA ILE A 699 -1.01 -24.91 -3.14
C ILE A 699 -1.88 -26.06 -2.66
N LEU A 700 -1.26 -27.17 -2.20
CA LEU A 700 -2.01 -28.40 -1.98
C LEU A 700 -2.96 -28.30 -0.80
N SER A 701 -2.68 -27.43 0.17
CA SER A 701 -3.55 -27.16 1.29
C SER A 701 -4.30 -25.85 1.15
N GLY A 702 -4.19 -25.20 -0.02
CA GLY A 702 -4.71 -23.86 -0.18
C GLY A 702 -6.19 -23.76 0.12
N ALA A 703 -6.97 -24.78 -0.26
CA ALA A 703 -8.41 -24.70 -0.08
C ALA A 703 -8.80 -24.62 1.40
N GLN A 704 -7.98 -25.18 2.27
CA GLN A 704 -8.36 -25.29 3.67
C GLN A 704 -7.81 -24.15 4.51
N GLN A 705 -7.02 -23.25 3.93
CA GLN A 705 -6.57 -22.07 4.67
C GLN A 705 -7.74 -21.12 4.87
N PRO A 706 -7.96 -20.60 6.07
CA PRO A 706 -9.13 -19.76 6.31
C PRO A 706 -9.11 -18.55 5.40
N ASN A 707 -10.16 -18.43 4.57
CA ASN A 707 -10.30 -17.33 3.63
C ASN A 707 -9.09 -17.23 2.70
N GLY A 708 -8.41 -18.36 2.50
CA GLY A 708 -7.27 -18.41 1.62
C GLY A 708 -6.03 -17.69 2.10
N TYR A 709 -5.91 -17.42 3.40
CA TYR A 709 -4.79 -16.61 3.89
C TYR A 709 -3.48 -17.40 3.92
N THR A 710 -2.40 -16.71 3.61
CA THR A 710 -1.07 -17.31 3.51
C THR A 710 -0.24 -17.20 4.79
N GLU A 711 -0.65 -16.37 5.75
CA GLU A 711 0.17 -16.20 6.94
C GLU A 711 0.35 -17.49 7.72
N PRO A 712 -0.71 -18.26 8.04
CA PRO A 712 -0.47 -19.49 8.83
C PRO A 712 0.67 -20.32 8.29
N ILE A 713 0.64 -20.71 7.02
CA ILE A 713 1.69 -21.58 6.50
C ILE A 713 3.02 -20.84 6.46
N LEU A 714 3.02 -19.59 5.96
CA LEU A 714 4.25 -18.81 5.88
C LEU A 714 4.88 -18.65 7.25
N HIS A 715 4.07 -18.30 8.25
CA HIS A 715 4.63 -18.08 9.58
C HIS A 715 5.22 -19.37 10.12
N ARG A 716 4.45 -20.45 10.07
CA ARG A 716 4.90 -21.73 10.61
C ARG A 716 6.17 -22.23 9.92
N ARG A 717 6.27 -22.07 8.59
CA ARG A 717 7.46 -22.51 7.88
C ARG A 717 8.66 -21.59 8.10
N ARG A 718 8.44 -20.29 8.27
CA ARG A 718 9.54 -19.37 8.57
C ARG A 718 10.15 -19.69 9.94
N ARG A 719 9.31 -19.94 10.95
CA ARG A 719 9.85 -20.34 12.25
C ARG A 719 10.56 -21.69 12.13
N GLU A 720 10.01 -22.59 11.30
CA GLU A 720 10.68 -23.87 11.05
C GLU A 720 12.10 -23.65 10.53
N PHE A 721 12.26 -22.79 9.52
CA PHE A 721 13.60 -22.48 9.02
C PHE A 721 14.49 -21.90 10.12
N LYS A 722 13.98 -20.91 10.87
CA LYS A 722 14.76 -20.30 11.94
C LYS A 722 15.25 -21.36 12.94
N ALA A 723 14.39 -22.34 13.25
CA ALA A 723 14.72 -23.36 14.24
C ALA A 723 15.70 -24.39 13.68
N ARG A 724 15.59 -24.72 12.39
CA ARG A 724 16.57 -25.60 11.76
C ARG A 724 17.91 -24.88 11.58
N ALA A 725 17.91 -23.56 11.46
CA ALA A 725 19.16 -22.81 11.40
C ALA A 725 19.80 -22.63 12.76
N ALA A 726 19.25 -23.28 13.79
CA ALA A 726 19.79 -23.27 15.14
C ALA A 726 20.45 -24.63 15.39
N GLU A 727 21.66 -24.80 14.86
CA GLU A 727 22.48 -26.02 15.00
C GLU A 727 23.76 -25.87 14.16
#